data_2ENC
#
_entry.id   2ENC
#
loop_
_entity.id
_entity.type
_entity.pdbx_description
1 polymer 'Zinc finger protein 224'
2 non-polymer 'ZINC ION'
#
_entity_poly.entity_id   1
_entity_poly.type   'polypeptide(L)'
_entity_poly.pdbx_seq_one_letter_code
;GSSGSSGSGEKPFKCEECGKGFYTNSQCYSHQRSHSGEKPSGPSSG
;
_entity_poly.pdbx_strand_id   A
#
loop_
_chem_comp.id
_chem_comp.type
_chem_comp.name
_chem_comp.formula
ZN non-polymer 'ZINC ION' 'Zn 2'
#
# COMPACT_ATOMS: atom_id res chain seq x y z
N GLY A 1 -1.77 7.14 13.11
CA GLY A 1 -1.43 7.80 14.36
C GLY A 1 -0.46 6.98 15.20
N SER A 2 -0.86 5.75 15.52
CA SER A 2 -0.03 4.87 16.33
C SER A 2 -0.27 3.41 15.97
N SER A 3 0.60 2.53 16.45
CA SER A 3 0.48 1.11 16.18
C SER A 3 1.18 0.29 17.26
N GLY A 4 0.90 -1.02 17.28
CA GLY A 4 1.51 -1.89 18.27
C GLY A 4 1.90 -3.23 17.69
N SER A 5 0.95 -3.89 17.02
CA SER A 5 1.20 -5.20 16.43
C SER A 5 1.90 -5.05 15.07
N SER A 6 2.95 -4.23 15.04
CA SER A 6 3.70 -4.01 13.81
C SER A 6 5.09 -3.45 14.12
N GLY A 7 6.03 -3.71 13.20
CA GLY A 7 7.38 -3.23 13.39
C GLY A 7 7.69 -2.00 12.56
N SER A 8 7.73 -2.18 11.24
CA SER A 8 8.02 -1.07 10.34
C SER A 8 7.19 0.16 10.70
N GLY A 9 7.86 1.17 11.26
CA GLY A 9 7.18 2.39 11.65
C GLY A 9 6.83 3.26 10.46
N GLU A 10 7.80 4.03 9.98
CA GLU A 10 7.58 4.91 8.84
C GLU A 10 8.68 4.72 7.79
N LYS A 11 8.34 5.00 6.54
CA LYS A 11 9.28 4.87 5.43
C LYS A 11 9.17 6.03 4.46
N PRO A 12 10.23 6.26 3.68
CA PRO A 12 10.26 7.35 2.69
C PRO A 12 9.32 7.08 1.51
N PHE A 13 8.85 5.85 1.40
CA PHE A 13 7.94 5.48 0.32
C PHE A 13 7.14 4.23 0.70
N LYS A 14 5.83 4.40 0.83
CA LYS A 14 4.94 3.29 1.18
C LYS A 14 3.72 3.27 0.27
N CYS A 15 3.07 2.11 0.19
CA CYS A 15 1.88 1.96 -0.64
C CYS A 15 0.73 2.79 -0.10
N GLU A 16 -0.13 3.25 -1.01
CA GLU A 16 -1.29 4.06 -0.62
C GLU A 16 -2.51 3.19 -0.39
N GLU A 17 -2.50 1.99 -0.96
CA GLU A 17 -3.61 1.07 -0.84
C GLU A 17 -3.62 0.42 0.55
N CYS A 18 -2.55 -0.30 0.87
CA CYS A 18 -2.43 -0.97 2.17
C CYS A 18 -1.51 -0.19 3.10
N GLY A 19 -0.32 0.14 2.60
CA GLY A 19 0.63 0.88 3.39
C GLY A 19 1.98 0.20 3.46
N LYS A 20 2.23 -0.73 2.54
CA LYS A 20 3.49 -1.45 2.50
C LYS A 20 4.67 -0.51 2.64
N GLY A 21 5.84 -1.07 2.92
CA GLY A 21 7.04 -0.25 3.07
C GLY A 21 8.01 -0.43 1.92
N PHE A 22 8.65 0.68 1.52
CA PHE A 22 9.60 0.63 0.42
C PHE A 22 10.72 1.67 0.63
N TYR A 23 11.76 1.57 -0.19
CA TYR A 23 12.90 2.48 -0.07
C TYR A 23 13.04 3.31 -1.34
N THR A 24 12.64 2.74 -2.47
CA THR A 24 12.71 3.43 -3.75
C THR A 24 11.35 3.54 -4.41
N ASN A 25 11.04 4.72 -4.93
CA ASN A 25 9.76 4.95 -5.59
C ASN A 25 9.40 3.80 -6.51
N SER A 26 10.28 3.53 -7.47
CA SER A 26 10.05 2.45 -8.43
C SER A 26 9.48 1.22 -7.74
N GLN A 27 10.11 0.82 -6.64
CA GLN A 27 9.66 -0.35 -5.87
C GLN A 27 8.23 -0.17 -5.40
N CYS A 28 7.99 0.90 -4.66
CA CYS A 28 6.65 1.20 -4.14
C CYS A 28 5.59 0.90 -5.19
N TYR A 29 5.78 1.46 -6.39
CA TYR A 29 4.84 1.27 -7.48
C TYR A 29 4.69 -0.21 -7.82
N SER A 30 5.82 -0.86 -8.08
CA SER A 30 5.82 -2.28 -8.43
C SER A 30 4.75 -3.03 -7.65
N HIS A 31 4.78 -2.91 -6.33
CA HIS A 31 3.81 -3.58 -5.48
C HIS A 31 2.41 -3.01 -5.69
N GLN A 32 2.31 -1.68 -5.70
CA GLN A 32 1.03 -1.01 -5.90
C GLN A 32 0.23 -1.68 -7.00
N ARG A 33 0.93 -2.17 -8.03
CA ARG A 33 0.28 -2.83 -9.15
C ARG A 33 -0.70 -3.90 -8.66
N SER A 34 -0.22 -4.77 -7.78
CA SER A 34 -1.05 -5.84 -7.23
C SER A 34 -2.47 -5.34 -6.96
N HIS A 35 -2.58 -4.08 -6.54
CA HIS A 35 -3.87 -3.49 -6.24
C HIS A 35 -4.57 -3.06 -7.52
N SER A 36 -4.60 -3.95 -8.51
CA SER A 36 -5.25 -3.66 -9.79
C SER A 36 -5.51 -4.95 -10.56
N GLY A 37 -6.78 -5.15 -10.94
CA GLY A 37 -7.15 -6.35 -11.68
C GLY A 37 -8.13 -6.05 -12.80
N GLU A 38 -9.22 -5.38 -12.45
CA GLU A 38 -10.25 -5.04 -13.43
C GLU A 38 -9.83 -3.83 -14.26
N LYS A 39 -8.87 -4.04 -15.15
CA LYS A 39 -8.38 -2.97 -16.01
C LYS A 39 -7.75 -3.53 -17.28
N PRO A 40 -7.96 -2.85 -18.41
CA PRO A 40 -7.42 -3.26 -19.70
C PRO A 40 -5.91 -3.10 -19.78
N SER A 41 -5.27 -3.92 -20.59
CA SER A 41 -3.81 -3.87 -20.75
C SER A 41 -3.43 -3.51 -22.19
N GLY A 42 -2.86 -2.32 -22.37
CA GLY A 42 -2.47 -1.88 -23.68
C GLY A 42 -0.98 -1.98 -23.91
N PRO A 43 -0.25 -0.89 -23.63
CA PRO A 43 1.21 -0.84 -23.78
C PRO A 43 1.94 -1.70 -22.77
N SER A 44 1.19 -2.24 -21.81
CA SER A 44 1.76 -3.09 -20.78
C SER A 44 0.69 -3.96 -20.12
N SER A 45 1.05 -5.20 -19.80
CA SER A 45 0.12 -6.12 -19.16
C SER A 45 0.79 -6.85 -18.00
N GLY A 46 0.05 -6.98 -16.90
CA GLY A 46 0.59 -7.67 -15.73
C GLY A 46 0.95 -9.12 -16.02
ZN ZN B . -0.48 -2.07 -1.21
N GLY A 1 -9.26 3.32 20.68
CA GLY A 1 -10.03 2.22 20.13
C GLY A 1 -9.17 1.23 19.37
N SER A 2 -9.04 1.45 18.06
CA SER A 2 -8.25 0.56 17.21
C SER A 2 -6.80 0.51 17.70
N SER A 3 -6.48 -0.52 18.47
CA SER A 3 -5.13 -0.69 19.00
C SER A 3 -4.32 -1.65 18.12
N GLY A 4 -4.46 -1.50 16.82
CA GLY A 4 -3.73 -2.37 15.89
C GLY A 4 -2.28 -1.98 15.76
N SER A 5 -1.56 -2.00 16.88
CA SER A 5 -0.14 -1.64 16.89
C SER A 5 0.73 -2.88 16.67
N SER A 6 0.92 -3.23 15.40
CA SER A 6 1.74 -4.40 15.05
C SER A 6 3.22 -4.04 15.03
N GLY A 7 3.53 -2.90 14.42
CA GLY A 7 4.91 -2.45 14.34
C GLY A 7 5.03 -1.05 13.77
N SER A 8 5.85 -0.22 14.42
CA SER A 8 6.06 1.14 13.97
C SER A 8 7.31 1.26 13.11
N GLY A 9 7.40 2.35 12.36
CA GLY A 9 8.54 2.56 11.49
C GLY A 9 8.15 3.20 10.17
N GLU A 10 7.96 4.51 10.18
CA GLU A 10 7.58 5.24 8.98
C GLU A 10 8.67 5.12 7.90
N LYS A 11 8.23 5.08 6.64
CA LYS A 11 9.16 4.95 5.52
C LYS A 11 9.01 6.12 4.56
N PRO A 12 10.05 6.38 3.77
CA PRO A 12 10.06 7.47 2.78
C PRO A 12 9.12 7.20 1.62
N PHE A 13 8.78 5.93 1.42
CA PHE A 13 7.89 5.54 0.34
C PHE A 13 7.07 4.30 0.72
N LYS A 14 5.76 4.49 0.87
CA LYS A 14 4.87 3.40 1.23
C LYS A 14 3.65 3.36 0.31
N CYS A 15 2.97 2.22 0.29
CA CYS A 15 1.79 2.04 -0.55
C CYS A 15 0.61 2.83 0.01
N GLU A 16 -0.31 3.21 -0.87
CA GLU A 16 -1.49 3.98 -0.46
C GLU A 16 -2.66 3.04 -0.17
N GLU A 17 -2.66 1.88 -0.81
CA GLU A 17 -3.73 0.91 -0.63
C GLU A 17 -3.65 0.27 0.77
N CYS A 18 -2.55 -0.42 1.02
CA CYS A 18 -2.35 -1.07 2.31
C CYS A 18 -1.40 -0.27 3.19
N GLY A 19 -0.23 0.04 2.66
CA GLY A 19 0.75 0.81 3.40
C GLY A 19 2.09 0.11 3.49
N LYS A 20 2.38 -0.76 2.52
CA LYS A 20 3.63 -1.50 2.49
C LYS A 20 4.81 -0.56 2.65
N GLY A 21 5.96 -1.13 3.03
CA GLY A 21 7.16 -0.32 3.22
C GLY A 21 8.17 -0.52 2.11
N PHE A 22 8.76 0.58 1.65
CA PHE A 22 9.75 0.53 0.59
C PHE A 22 10.80 1.62 0.75
N TYR A 23 11.78 1.65 -0.15
CA TYR A 23 12.85 2.64 -0.09
C TYR A 23 12.95 3.38 -1.43
N THR A 24 12.67 2.67 -2.51
CA THR A 24 12.74 3.27 -3.85
C THR A 24 11.36 3.32 -4.50
N ASN A 25 11.09 4.42 -5.19
CA ASN A 25 9.80 4.59 -5.86
C ASN A 25 9.46 3.38 -6.71
N SER A 26 10.39 3.00 -7.58
CA SER A 26 10.19 1.85 -8.46
C SER A 26 9.56 0.68 -7.70
N GLN A 27 10.09 0.41 -6.51
CA GLN A 27 9.58 -0.68 -5.68
C GLN A 27 8.14 -0.40 -5.24
N CYS A 28 7.93 0.78 -4.66
CA CYS A 28 6.60 1.16 -4.18
C CYS A 28 5.57 1.01 -5.29
N TYR A 29 5.92 1.46 -6.49
CA TYR A 29 5.02 1.38 -7.64
C TYR A 29 4.77 -0.08 -8.03
N SER A 30 5.85 -0.81 -8.26
CA SER A 30 5.74 -2.22 -8.65
C SER A 30 4.66 -2.93 -7.85
N HIS A 31 4.67 -2.71 -6.54
CA HIS A 31 3.68 -3.33 -5.66
C HIS A 31 2.30 -2.74 -5.89
N GLN A 32 2.20 -1.42 -5.83
CA GLN A 32 0.93 -0.73 -6.04
C GLN A 32 0.12 -1.40 -7.14
N ARG A 33 0.76 -1.63 -8.29
CA ARG A 33 0.10 -2.27 -9.41
C ARG A 33 -0.69 -3.50 -8.96
N SER A 34 -0.06 -4.32 -8.13
CA SER A 34 -0.69 -5.54 -7.62
C SER A 34 -2.14 -5.27 -7.23
N HIS A 35 -2.35 -4.20 -6.46
CA HIS A 35 -3.69 -3.83 -6.01
C HIS A 35 -4.63 -3.66 -7.20
N SER A 36 -5.37 -4.71 -7.52
CA SER A 36 -6.31 -4.67 -8.64
C SER A 36 -7.65 -5.28 -8.24
N GLY A 37 -8.60 -5.26 -9.18
CA GLY A 37 -9.92 -5.80 -8.90
C GLY A 37 -11.03 -4.94 -9.47
N GLU A 38 -11.91 -5.55 -10.26
CA GLU A 38 -13.01 -4.83 -10.86
C GLU A 38 -14.33 -5.60 -10.70
N LYS A 39 -15.33 -4.94 -10.12
CA LYS A 39 -16.63 -5.56 -9.90
C LYS A 39 -17.56 -5.32 -11.09
N PRO A 40 -18.37 -6.33 -11.41
CA PRO A 40 -19.31 -6.26 -12.53
C PRO A 40 -20.46 -5.29 -12.25
N SER A 41 -20.26 -4.03 -12.61
CA SER A 41 -21.28 -3.01 -12.39
C SER A 41 -21.87 -3.11 -10.99
N GLY A 42 -21.01 -3.34 -10.01
CA GLY A 42 -21.45 -3.46 -8.64
C GLY A 42 -20.60 -2.66 -7.68
N PRO A 43 -20.90 -1.37 -7.55
CA PRO A 43 -20.16 -0.46 -6.65
C PRO A 43 -20.41 -0.76 -5.18
N SER A 44 -19.64 -0.13 -4.31
CA SER A 44 -19.78 -0.33 -2.88
C SER A 44 -20.14 0.97 -2.17
N SER A 45 -21.43 1.28 -2.15
CA SER A 45 -21.92 2.51 -1.52
C SER A 45 -23.31 2.30 -0.94
N GLY A 46 -23.68 3.13 0.03
CA GLY A 46 -24.98 3.03 0.66
C GLY A 46 -24.99 3.57 2.07
ZN ZN B . -0.52 -2.01 -1.13
N GLY A 1 -8.11 -1.29 25.55
CA GLY A 1 -7.41 -0.07 25.93
C GLY A 1 -6.02 0.03 25.33
N SER A 2 -5.96 0.21 24.02
CA SER A 2 -4.68 0.30 23.32
C SER A 2 -4.68 1.50 22.37
N SER A 3 -3.49 2.05 22.13
CA SER A 3 -3.34 3.19 21.24
C SER A 3 -3.61 2.80 19.79
N GLY A 4 -2.95 1.75 19.33
CA GLY A 4 -3.13 1.30 17.96
C GLY A 4 -1.84 1.33 17.17
N SER A 5 -0.76 0.87 17.77
CA SER A 5 0.54 0.86 17.11
C SER A 5 1.05 -0.58 16.95
N SER A 6 0.92 -1.11 15.75
CA SER A 6 1.36 -2.48 15.46
C SER A 6 2.57 -2.47 14.53
N GLY A 7 3.75 -2.25 15.11
CA GLY A 7 4.96 -2.22 14.32
C GLY A 7 4.74 -1.65 12.93
N SER A 8 3.96 -0.58 12.86
CA SER A 8 3.67 0.06 11.58
C SER A 8 4.95 0.44 10.85
N GLY A 9 5.78 1.24 11.51
CA GLY A 9 7.04 1.66 10.92
C GLY A 9 6.83 2.62 9.75
N GLU A 10 7.50 3.76 9.82
CA GLU A 10 7.39 4.77 8.76
C GLU A 10 8.52 4.62 7.74
N LYS A 11 8.23 4.97 6.50
CA LYS A 11 9.22 4.89 5.43
C LYS A 11 9.10 6.07 4.48
N PRO A 12 10.17 6.32 3.70
CA PRO A 12 10.21 7.41 2.74
C PRO A 12 9.29 7.18 1.55
N PHE A 13 8.81 5.94 1.41
CA PHE A 13 7.91 5.59 0.31
C PHE A 13 7.09 4.35 0.68
N LYS A 14 5.81 4.58 0.97
CA LYS A 14 4.91 3.48 1.32
C LYS A 14 3.66 3.49 0.43
N CYS A 15 2.99 2.34 0.37
CA CYS A 15 1.79 2.22 -0.45
C CYS A 15 0.64 3.02 0.16
N GLU A 16 -0.25 3.52 -0.69
CA GLU A 16 -1.39 4.30 -0.24
C GLU A 16 -2.60 3.40 0.00
N GLU A 17 -2.61 2.24 -0.65
CA GLU A 17 -3.70 1.28 -0.50
C GLU A 17 -3.65 0.60 0.86
N CYS A 18 -2.58 -0.15 1.10
CA CYS A 18 -2.42 -0.86 2.36
C CYS A 18 -1.45 -0.12 3.28
N GLY A 19 -0.27 0.20 2.76
CA GLY A 19 0.72 0.91 3.55
C GLY A 19 2.07 0.22 3.52
N LYS A 20 2.25 -0.70 2.58
CA LYS A 20 3.51 -1.44 2.46
C LYS A 20 4.70 -0.50 2.63
N GLY A 21 5.86 -1.07 2.91
CA GLY A 21 7.06 -0.28 3.10
C GLY A 21 8.06 -0.47 1.97
N PHE A 22 8.76 0.61 1.62
CA PHE A 22 9.76 0.55 0.55
C PHE A 22 10.83 1.63 0.75
N TYR A 23 11.80 1.65 -0.15
CA TYR A 23 12.88 2.63 -0.07
C TYR A 23 13.02 3.39 -1.39
N THR A 24 12.61 2.75 -2.48
CA THR A 24 12.69 3.36 -3.80
C THR A 24 11.32 3.40 -4.47
N ASN A 25 11.00 4.52 -5.10
CA ASN A 25 9.72 4.68 -5.77
C ASN A 25 9.41 3.46 -6.65
N SER A 26 10.34 3.14 -7.55
CA SER A 26 10.17 2.00 -8.44
C SER A 26 9.48 0.84 -7.72
N GLN A 27 10.11 0.35 -6.66
CA GLN A 27 9.56 -0.76 -5.88
C GLN A 27 8.14 -0.43 -5.41
N CYS A 28 8.00 0.66 -4.68
CA CYS A 28 6.70 1.08 -4.17
C CYS A 28 5.63 0.94 -5.24
N TYR A 29 5.94 1.43 -6.45
CA TYR A 29 4.99 1.37 -7.56
C TYR A 29 4.75 -0.07 -7.99
N SER A 30 5.84 -0.82 -8.16
CA SER A 30 5.74 -2.22 -8.57
C SER A 30 4.66 -2.95 -7.78
N HIS A 31 4.58 -2.65 -6.49
CA HIS A 31 3.60 -3.28 -5.62
C HIS A 31 2.21 -2.70 -5.87
N GLN A 32 2.12 -1.38 -5.91
CA GLN A 32 0.85 -0.69 -6.14
C GLN A 32 0.07 -1.38 -7.25
N ARG A 33 0.76 -1.76 -8.32
CA ARG A 33 0.13 -2.43 -9.45
C ARG A 33 -0.59 -3.70 -9.00
N SER A 34 0.11 -4.53 -8.24
CA SER A 34 -0.45 -5.78 -7.75
C SER A 34 -1.91 -5.59 -7.34
N HIS A 35 -2.16 -4.62 -6.48
CA HIS A 35 -3.51 -4.34 -6.01
C HIS A 35 -4.51 -4.45 -7.15
N SER A 36 -5.29 -5.53 -7.16
CA SER A 36 -6.29 -5.75 -8.21
C SER A 36 -7.57 -4.99 -7.90
N GLY A 37 -7.59 -3.70 -8.26
CA GLY A 37 -8.76 -2.88 -8.03
C GLY A 37 -9.12 -2.01 -9.22
N GLU A 38 -10.25 -2.33 -9.85
CA GLU A 38 -10.71 -1.57 -11.01
C GLU A 38 -11.51 -0.35 -10.58
N LYS A 39 -11.03 0.35 -9.57
CA LYS A 39 -11.71 1.54 -9.07
C LYS A 39 -10.71 2.53 -8.49
N PRO A 40 -11.08 3.82 -8.50
CA PRO A 40 -10.22 4.90 -7.98
C PRO A 40 -10.10 4.85 -6.46
N SER A 41 -8.90 4.61 -5.97
CA SER A 41 -8.65 4.54 -4.54
C SER A 41 -9.53 5.54 -3.79
N GLY A 42 -9.46 6.80 -4.21
CA GLY A 42 -10.25 7.84 -3.57
C GLY A 42 -9.40 8.77 -2.71
N PRO A 43 -10.01 9.34 -1.67
CA PRO A 43 -9.32 10.27 -0.77
C PRO A 43 -8.28 9.56 0.10
N SER A 44 -7.01 9.84 -0.17
CA SER A 44 -5.92 9.23 0.59
C SER A 44 -5.02 10.29 1.20
N SER A 45 -5.35 10.71 2.42
CA SER A 45 -4.57 11.73 3.12
C SER A 45 -3.09 11.41 3.06
N GLY A 46 -2.35 12.16 2.25
CA GLY A 46 -0.92 11.94 2.12
C GLY A 46 -0.13 12.69 3.17
ZN ZN B . -0.61 -1.76 -1.12
N GLY A 1 0.63 -20.84 10.21
CA GLY A 1 0.03 -19.59 10.63
C GLY A 1 0.59 -18.40 9.90
N SER A 2 -0.29 -17.47 9.53
CA SER A 2 0.13 -16.27 8.80
C SER A 2 1.18 -15.49 9.59
N SER A 3 1.76 -14.49 8.96
CA SER A 3 2.79 -13.66 9.61
C SER A 3 2.34 -12.20 9.67
N GLY A 4 2.56 -11.58 10.83
CA GLY A 4 2.18 -10.20 11.01
C GLY A 4 3.28 -9.37 11.65
N SER A 5 3.81 -8.42 10.89
CA SER A 5 4.88 -7.56 11.40
C SER A 5 4.32 -6.28 11.99
N SER A 6 4.51 -6.11 13.30
CA SER A 6 4.01 -4.93 14.00
C SER A 6 4.14 -3.69 13.13
N GLY A 7 5.36 -3.45 12.63
CA GLY A 7 5.60 -2.29 11.79
C GLY A 7 6.80 -1.49 12.23
N SER A 8 7.71 -1.22 11.30
CA SER A 8 8.91 -0.46 11.61
C SER A 8 8.57 0.88 12.24
N GLY A 9 7.68 1.63 11.58
CA GLY A 9 7.28 2.92 12.10
C GLY A 9 6.91 3.89 10.99
N GLU A 10 7.79 4.05 10.02
CA GLU A 10 7.56 4.96 8.90
C GLU A 10 8.67 4.84 7.86
N LYS A 11 8.31 5.00 6.59
CA LYS A 11 9.28 4.93 5.51
C LYS A 11 9.12 6.09 4.54
N PRO A 12 10.16 6.35 3.74
CA PRO A 12 10.15 7.45 2.77
C PRO A 12 9.19 7.18 1.61
N PHE A 13 8.87 5.90 1.40
CA PHE A 13 7.96 5.52 0.32
C PHE A 13 7.20 4.24 0.68
N LYS A 14 5.89 4.36 0.83
CA LYS A 14 5.05 3.22 1.17
C LYS A 14 3.80 3.19 0.30
N CYS A 15 3.20 2.01 0.20
CA CYS A 15 1.99 1.83 -0.61
C CYS A 15 0.86 2.73 -0.09
N GLU A 16 0.00 3.17 -1.01
CA GLU A 16 -1.12 4.03 -0.65
C GLU A 16 -2.38 3.20 -0.38
N GLU A 17 -2.41 2.00 -0.94
CA GLU A 17 -3.56 1.11 -0.75
C GLU A 17 -3.59 0.55 0.67
N CYS A 18 -2.51 -0.13 1.06
CA CYS A 18 -2.41 -0.71 2.39
C CYS A 18 -1.40 0.05 3.25
N GLY A 19 -0.21 0.27 2.70
CA GLY A 19 0.82 0.98 3.43
C GLY A 19 2.18 0.31 3.33
N LYS A 20 2.25 -0.75 2.52
CA LYS A 20 3.50 -1.48 2.34
C LYS A 20 4.70 -0.55 2.43
N GLY A 21 5.77 -1.03 3.04
CA GLY A 21 6.98 -0.22 3.18
C GLY A 21 7.94 -0.42 2.02
N PHE A 22 8.62 0.66 1.64
CA PHE A 22 9.57 0.60 0.53
C PHE A 22 10.70 1.60 0.74
N TYR A 23 11.64 1.64 -0.20
CA TYR A 23 12.77 2.55 -0.12
C TYR A 23 12.91 3.36 -1.41
N THR A 24 12.47 2.78 -2.52
CA THR A 24 12.54 3.43 -3.82
C THR A 24 11.17 3.49 -4.49
N ASN A 25 10.77 4.68 -4.90
CA ASN A 25 9.49 4.86 -5.56
C ASN A 25 9.20 3.72 -6.53
N SER A 26 10.22 3.34 -7.30
CA SER A 26 10.08 2.28 -8.28
C SER A 26 9.43 1.04 -7.65
N GLN A 27 10.02 0.57 -6.56
CA GLN A 27 9.50 -0.61 -5.87
C GLN A 27 8.05 -0.39 -5.46
N CYS A 28 7.81 0.66 -4.66
CA CYS A 28 6.47 0.98 -4.19
C CYS A 28 5.45 0.79 -5.31
N TYR A 29 5.82 1.17 -6.53
CA TYR A 29 4.93 1.05 -7.67
C TYR A 29 4.72 -0.41 -8.04
N SER A 30 5.81 -1.18 -8.10
CA SER A 30 5.74 -2.59 -8.44
C SER A 30 4.62 -3.28 -7.66
N HIS A 31 4.53 -2.95 -6.38
CA HIS A 31 3.51 -3.55 -5.52
C HIS A 31 2.17 -2.82 -5.69
N GLN A 32 2.21 -1.50 -5.69
CA GLN A 32 1.00 -0.70 -5.84
C GLN A 32 0.16 -1.19 -7.03
N ARG A 33 0.84 -1.49 -8.13
CA ARG A 33 0.17 -1.96 -9.34
C ARG A 33 -0.46 -3.34 -9.10
N SER A 34 0.07 -4.06 -8.11
CA SER A 34 -0.43 -5.39 -7.79
C SER A 34 -1.88 -5.32 -7.31
N HIS A 35 -2.17 -4.35 -6.45
CA HIS A 35 -3.52 -4.17 -5.92
C HIS A 35 -4.56 -4.24 -7.03
N SER A 36 -4.46 -3.31 -7.99
CA SER A 36 -5.39 -3.26 -9.10
C SER A 36 -4.64 -3.36 -10.43
N GLY A 37 -4.72 -4.53 -11.06
CA GLY A 37 -4.04 -4.73 -12.33
C GLY A 37 -4.74 -5.76 -13.20
N GLU A 38 -3.97 -6.67 -13.77
CA GLU A 38 -4.51 -7.71 -14.63
C GLU A 38 -5.32 -8.72 -13.82
N LYS A 39 -6.59 -8.87 -14.17
CA LYS A 39 -7.47 -9.80 -13.48
C LYS A 39 -8.68 -10.15 -14.33
N PRO A 40 -9.18 -11.39 -14.19
CA PRO A 40 -10.34 -11.87 -14.95
C PRO A 40 -11.63 -11.20 -14.50
N SER A 41 -11.88 -11.19 -13.20
CA SER A 41 -13.08 -10.58 -12.63
C SER A 41 -12.73 -9.56 -11.56
N GLY A 42 -13.51 -8.49 -11.50
CA GLY A 42 -13.27 -7.46 -10.51
C GLY A 42 -14.19 -6.26 -10.68
N PRO A 43 -13.74 -5.10 -10.19
CA PRO A 43 -14.52 -3.85 -10.27
C PRO A 43 -14.60 -3.32 -11.70
N SER A 44 -13.73 -3.84 -12.57
CA SER A 44 -13.70 -3.42 -13.97
C SER A 44 -15.12 -3.30 -14.53
N SER A 45 -15.24 -2.64 -15.68
CA SER A 45 -16.53 -2.45 -16.32
C SER A 45 -16.53 -3.00 -17.74
N GLY A 46 -16.90 -4.27 -17.88
CA GLY A 46 -16.92 -4.90 -19.18
C GLY A 46 -15.55 -4.94 -19.83
ZN ZN B . -0.50 -2.14 -0.87
N GLY A 1 -14.05 -7.30 15.29
CA GLY A 1 -13.43 -6.31 16.15
C GLY A 1 -12.30 -5.57 15.47
N SER A 2 -12.09 -4.31 15.86
CA SER A 2 -11.05 -3.49 15.27
C SER A 2 -9.67 -3.98 15.71
N SER A 3 -8.64 -3.63 14.94
CA SER A 3 -7.28 -4.03 15.24
C SER A 3 -6.29 -2.92 14.90
N GLY A 4 -5.26 -2.78 15.73
CA GLY A 4 -4.26 -1.76 15.50
C GLY A 4 -2.85 -2.23 15.81
N SER A 5 -2.30 -3.05 14.93
CA SER A 5 -0.96 -3.58 15.12
C SER A 5 -0.01 -3.06 14.04
N SER A 6 1.04 -2.38 14.46
CA SER A 6 2.02 -1.83 13.54
C SER A 6 3.44 -2.26 13.90
N GLY A 7 4.01 -3.15 13.10
CA GLY A 7 5.35 -3.63 13.36
C GLY A 7 6.41 -2.59 13.10
N SER A 8 6.33 -1.94 11.93
CA SER A 8 7.29 -0.91 11.56
C SER A 8 6.79 0.47 11.96
N GLY A 9 7.63 1.47 11.78
CA GLY A 9 7.26 2.84 12.12
C GLY A 9 6.85 3.65 10.90
N GLU A 10 7.85 4.19 10.20
CA GLU A 10 7.58 4.99 9.01
C GLU A 10 8.68 4.81 7.97
N LYS A 11 8.32 4.97 6.70
CA LYS A 11 9.28 4.81 5.61
C LYS A 11 9.20 5.99 4.65
N PRO A 12 10.27 6.18 3.86
CA PRO A 12 10.33 7.28 2.88
C PRO A 12 9.38 7.07 1.71
N PHE A 13 9.00 5.81 1.48
CA PHE A 13 8.08 5.49 0.39
C PHE A 13 7.26 4.24 0.72
N LYS A 14 5.94 4.43 0.84
CA LYS A 14 5.05 3.33 1.15
C LYS A 14 3.82 3.34 0.24
N CYS A 15 3.13 2.21 0.18
CA CYS A 15 1.95 2.09 -0.67
C CYS A 15 0.81 2.95 -0.12
N GLU A 16 -0.06 3.40 -1.02
CA GLU A 16 -1.20 4.24 -0.63
C GLU A 16 -2.43 3.39 -0.36
N GLU A 17 -2.47 2.21 -0.95
CA GLU A 17 -3.60 1.30 -0.76
C GLU A 17 -3.59 0.69 0.63
N CYS A 18 -2.53 -0.06 0.94
CA CYS A 18 -2.40 -0.70 2.24
C CYS A 18 -1.42 0.07 3.12
N GLY A 19 -0.22 0.31 2.59
CA GLY A 19 0.79 1.03 3.34
C GLY A 19 2.10 0.27 3.44
N LYS A 20 2.30 -0.67 2.52
CA LYS A 20 3.52 -1.47 2.50
C LYS A 20 4.75 -0.59 2.71
N GLY A 21 5.88 -1.22 3.02
CA GLY A 21 7.10 -0.48 3.24
C GLY A 21 8.08 -0.60 2.08
N PHE A 22 8.64 0.52 1.67
CA PHE A 22 9.59 0.54 0.56
C PHE A 22 10.67 1.59 0.80
N TYR A 23 11.68 1.59 -0.08
CA TYR A 23 12.78 2.55 0.02
C TYR A 23 12.90 3.39 -1.25
N THR A 24 12.48 2.81 -2.37
CA THR A 24 12.53 3.50 -3.65
C THR A 24 11.15 3.61 -4.28
N ASN A 25 10.96 4.64 -5.11
CA ASN A 25 9.69 4.86 -5.77
C ASN A 25 9.35 3.68 -6.68
N SER A 26 10.27 3.33 -7.55
CA SER A 26 10.06 2.22 -8.48
C SER A 26 9.39 1.05 -7.79
N GLN A 27 9.95 0.61 -6.68
CA GLN A 27 9.40 -0.50 -5.91
C GLN A 27 7.98 -0.20 -5.47
N CYS A 28 7.83 0.84 -4.66
CA CYS A 28 6.52 1.24 -4.16
C CYS A 28 5.46 1.10 -5.24
N TYR A 29 5.83 1.46 -6.47
CA TYR A 29 4.90 1.39 -7.60
C TYR A 29 4.68 -0.06 -8.02
N SER A 30 5.76 -0.81 -8.13
CA SER A 30 5.68 -2.21 -8.54
C SER A 30 4.61 -2.94 -7.74
N HIS A 31 4.64 -2.78 -6.43
CA HIS A 31 3.66 -3.42 -5.55
C HIS A 31 2.25 -2.90 -5.84
N GLN A 32 2.11 -1.58 -5.86
CA GLN A 32 0.81 -0.97 -6.12
C GLN A 32 0.04 -1.73 -7.18
N ARG A 33 0.62 -1.83 -8.37
CA ARG A 33 -0.01 -2.55 -9.48
C ARG A 33 -0.70 -3.82 -8.98
N SER A 34 0.02 -4.60 -8.17
CA SER A 34 -0.52 -5.84 -7.64
C SER A 34 -1.98 -5.66 -7.21
N HIS A 35 -2.23 -4.62 -6.43
CA HIS A 35 -3.59 -4.34 -5.96
C HIS A 35 -4.60 -4.46 -7.09
N SER A 36 -5.39 -5.52 -7.06
CA SER A 36 -6.40 -5.75 -8.09
C SER A 36 -7.37 -4.58 -8.18
N GLY A 37 -7.76 -4.24 -9.41
CA GLY A 37 -8.67 -3.13 -9.62
C GLY A 37 -9.94 -3.55 -10.35
N GLU A 38 -10.45 -4.72 -10.00
CA GLU A 38 -11.66 -5.24 -10.64
C GLU A 38 -12.91 -4.71 -9.94
N LYS A 39 -14.04 -4.78 -10.64
CA LYS A 39 -15.30 -4.31 -10.08
C LYS A 39 -16.47 -5.16 -10.58
N PRO A 40 -17.35 -5.56 -9.66
CA PRO A 40 -18.52 -6.38 -9.98
C PRO A 40 -19.56 -5.61 -10.78
N SER A 41 -20.33 -6.34 -11.59
CA SER A 41 -21.36 -5.72 -12.41
C SER A 41 -22.63 -5.48 -11.61
N GLY A 42 -22.95 -6.41 -10.72
CA GLY A 42 -24.13 -6.29 -9.89
C GLY A 42 -23.81 -5.75 -8.51
N PRO A 43 -23.73 -6.66 -7.52
CA PRO A 43 -23.43 -6.29 -6.13
C PRO A 43 -21.99 -5.82 -5.94
N SER A 44 -21.83 -4.73 -5.22
CA SER A 44 -20.51 -4.17 -4.98
C SER A 44 -19.98 -4.60 -3.61
N SER A 45 -18.81 -5.21 -3.60
CA SER A 45 -18.19 -5.68 -2.37
C SER A 45 -17.23 -4.63 -1.81
N GLY A 46 -17.19 -4.53 -0.48
CA GLY A 46 -16.31 -3.57 0.16
C GLY A 46 -16.50 -3.52 1.67
ZN ZN B . -0.60 -1.83 -1.17
N GLY A 1 -11.27 0.19 6.07
CA GLY A 1 -10.74 0.38 7.41
C GLY A 1 -10.53 -0.94 8.14
N SER A 2 -10.01 -0.85 9.36
CA SER A 2 -9.75 -2.04 10.17
C SER A 2 -9.40 -1.66 11.59
N SER A 3 -9.22 -2.68 12.44
CA SER A 3 -8.89 -2.45 13.84
C SER A 3 -7.77 -3.39 14.29
N GLY A 4 -7.13 -3.05 15.41
CA GLY A 4 -6.05 -3.87 15.92
C GLY A 4 -4.75 -3.66 15.17
N SER A 5 -3.75 -3.12 15.87
CA SER A 5 -2.45 -2.86 15.26
C SER A 5 -2.59 -1.91 14.08
N SER A 6 -3.41 -0.87 14.24
CA SER A 6 -3.62 0.10 13.19
C SER A 6 -2.33 0.86 12.87
N GLY A 7 -1.64 1.30 13.92
CA GLY A 7 -0.40 2.03 13.73
C GLY A 7 0.66 1.20 13.03
N SER A 8 1.59 1.89 12.37
CA SER A 8 2.67 1.20 11.65
C SER A 8 3.91 2.09 11.56
N GLY A 9 5.04 1.47 11.24
CA GLY A 9 6.28 2.21 11.13
C GLY A 9 6.25 3.22 9.99
N GLU A 10 7.29 4.05 9.91
CA GLU A 10 7.38 5.06 8.86
C GLU A 10 8.47 4.71 7.85
N LYS A 11 8.32 5.21 6.64
CA LYS A 11 9.30 4.96 5.57
C LYS A 11 9.29 6.08 4.55
N PRO A 12 10.37 6.16 3.76
CA PRO A 12 10.52 7.18 2.72
C PRO A 12 9.56 6.98 1.56
N PHE A 13 9.02 5.77 1.44
CA PHE A 13 8.09 5.44 0.37
C PHE A 13 7.30 4.18 0.71
N LYS A 14 5.98 4.32 0.81
CA LYS A 14 5.12 3.19 1.12
C LYS A 14 3.89 3.17 0.20
N CYS A 15 3.23 2.02 0.14
CA CYS A 15 2.05 1.87 -0.70
C CYS A 15 0.91 2.75 -0.21
N GLU A 16 0.06 3.18 -1.14
CA GLU A 16 -1.08 4.03 -0.80
C GLU A 16 -2.32 3.19 -0.53
N GLU A 17 -2.37 1.99 -1.10
CA GLU A 17 -3.50 1.10 -0.92
C GLU A 17 -3.53 0.53 0.49
N CYS A 18 -2.48 -0.18 0.86
CA CYS A 18 -2.37 -0.79 2.19
C CYS A 18 -1.40 0.00 3.06
N GLY A 19 -0.20 0.23 2.55
CA GLY A 19 0.79 0.96 3.30
C GLY A 19 2.15 0.29 3.28
N LYS A 20 2.27 -0.76 2.48
CA LYS A 20 3.53 -1.50 2.36
C LYS A 20 4.72 -0.55 2.43
N GLY A 21 5.78 -0.99 3.10
CA GLY A 21 6.97 -0.18 3.23
C GLY A 21 7.95 -0.40 2.09
N PHE A 22 8.66 0.65 1.71
CA PHE A 22 9.64 0.56 0.63
C PHE A 22 10.75 1.58 0.81
N TYR A 23 11.69 1.61 -0.13
CA TYR A 23 12.81 2.54 -0.07
C TYR A 23 12.94 3.33 -1.38
N THR A 24 12.59 2.68 -2.48
CA THR A 24 12.66 3.32 -3.79
C THR A 24 11.28 3.47 -4.41
N ASN A 25 10.98 4.67 -4.90
CA ASN A 25 9.69 4.95 -5.52
C ASN A 25 9.29 3.83 -6.47
N SER A 26 10.18 3.51 -7.41
CA SER A 26 9.91 2.45 -8.38
C SER A 26 9.34 1.22 -7.70
N GLN A 27 9.97 0.81 -6.60
CA GLN A 27 9.52 -0.37 -5.86
C GLN A 27 8.10 -0.17 -5.34
N CYS A 28 7.89 0.91 -4.61
CA CYS A 28 6.57 1.21 -4.05
C CYS A 28 5.48 1.01 -5.11
N TYR A 29 5.71 1.56 -6.30
CA TYR A 29 4.75 1.46 -7.39
C TYR A 29 4.63 0.01 -7.86
N SER A 30 5.78 -0.65 -8.04
CA SER A 30 5.80 -2.03 -8.48
C SER A 30 4.77 -2.86 -7.74
N HIS A 31 4.71 -2.69 -6.42
CA HIS A 31 3.77 -3.43 -5.59
C HIS A 31 2.34 -2.95 -5.82
N GLN A 32 2.15 -1.63 -5.79
CA GLN A 32 0.84 -1.05 -6.00
C GLN A 32 0.06 -1.82 -7.06
N ARG A 33 0.68 -2.02 -8.21
CA ARG A 33 0.05 -2.75 -9.30
C ARG A 33 -0.78 -3.92 -8.78
N SER A 34 -0.18 -4.71 -7.89
CA SER A 34 -0.87 -5.86 -7.32
C SER A 34 -2.33 -5.53 -7.00
N HIS A 35 -2.54 -4.41 -6.34
CA HIS A 35 -3.88 -3.97 -5.97
C HIS A 35 -4.74 -3.77 -7.22
N SER A 36 -6.04 -4.02 -7.08
CA SER A 36 -6.96 -3.88 -8.19
C SER A 36 -7.52 -2.47 -8.26
N GLY A 37 -7.86 -2.02 -9.47
CA GLY A 37 -8.39 -0.68 -9.64
C GLY A 37 -9.57 -0.65 -10.61
N GLU A 38 -10.10 0.54 -10.85
CA GLU A 38 -11.24 0.70 -11.76
C GLU A 38 -11.23 2.08 -12.39
N LYS A 39 -11.51 2.14 -13.68
CA LYS A 39 -11.54 3.41 -14.41
C LYS A 39 -12.87 3.58 -15.15
N PRO A 40 -13.24 4.84 -15.40
CA PRO A 40 -14.49 5.17 -16.09
C PRO A 40 -14.45 4.79 -17.57
N SER A 41 -13.34 4.19 -17.99
CA SER A 41 -13.18 3.77 -19.38
C SER A 41 -14.46 3.15 -19.91
N GLY A 42 -14.89 2.06 -19.28
CA GLY A 42 -16.11 1.39 -19.71
C GLY A 42 -16.44 0.19 -18.83
N PRO A 43 -17.66 -0.34 -19.01
CA PRO A 43 -18.13 -1.50 -18.24
C PRO A 43 -17.40 -2.78 -18.61
N SER A 44 -16.43 -2.66 -19.51
CA SER A 44 -15.66 -3.81 -19.96
C SER A 44 -14.57 -4.16 -18.95
N SER A 45 -14.96 -4.28 -17.68
CA SER A 45 -14.02 -4.60 -16.62
C SER A 45 -14.44 -5.89 -15.90
N GLY A 46 -14.07 -7.02 -16.46
CA GLY A 46 -14.40 -8.30 -15.85
C GLY A 46 -13.78 -9.47 -16.58
ZN ZN B . -0.45 -2.09 -1.11
N GLY A 1 -8.31 -4.87 12.74
CA GLY A 1 -6.86 -4.83 12.89
C GLY A 1 -6.38 -5.74 14.01
N SER A 2 -5.07 -5.80 14.19
CA SER A 2 -4.48 -6.63 15.24
C SER A 2 -3.32 -5.92 15.92
N SER A 3 -3.03 -6.32 17.15
CA SER A 3 -1.94 -5.72 17.92
C SER A 3 -0.60 -5.94 17.23
N GLY A 4 0.35 -5.04 17.49
CA GLY A 4 1.67 -5.17 16.89
C GLY A 4 1.69 -4.71 15.45
N SER A 5 2.88 -4.61 14.87
CA SER A 5 3.03 -4.18 13.48
C SER A 5 4.29 -4.79 12.86
N SER A 6 4.39 -4.70 11.54
CA SER A 6 5.53 -5.25 10.82
C SER A 6 6.45 -4.13 10.33
N GLY A 7 7.33 -3.67 11.21
CA GLY A 7 8.25 -2.61 10.85
C GLY A 7 8.25 -1.48 11.86
N SER A 8 9.28 -1.45 12.71
CA SER A 8 9.39 -0.41 13.73
C SER A 8 9.73 0.94 13.10
N GLY A 9 8.71 1.71 12.76
CA GLY A 9 8.92 3.01 12.16
C GLY A 9 8.21 3.15 10.83
N GLU A 10 8.47 4.27 10.14
CA GLU A 10 7.84 4.52 8.85
C GLU A 10 8.89 4.50 7.73
N LYS A 11 8.43 4.74 6.50
CA LYS A 11 9.31 4.75 5.35
C LYS A 11 9.06 5.97 4.47
N PRO A 12 10.09 6.36 3.70
CA PRO A 12 10.01 7.52 2.80
C PRO A 12 9.07 7.28 1.63
N PHE A 13 8.66 6.03 1.45
CA PHE A 13 7.76 5.66 0.35
C PHE A 13 7.02 4.37 0.67
N LYS A 14 5.73 4.47 0.91
CA LYS A 14 4.91 3.31 1.22
C LYS A 14 3.61 3.33 0.43
N CYS A 15 3.13 2.15 0.05
CA CYS A 15 1.90 2.02 -0.72
C CYS A 15 0.77 2.80 -0.05
N GLU A 16 -0.09 3.40 -0.87
CA GLU A 16 -1.23 4.16 -0.37
C GLU A 16 -2.45 3.29 -0.17
N GLU A 17 -2.46 2.14 -0.85
CA GLU A 17 -3.58 1.21 -0.75
C GLU A 17 -3.58 0.52 0.61
N CYS A 18 -2.46 -0.12 0.94
CA CYS A 18 -2.34 -0.83 2.22
C CYS A 18 -1.36 -0.12 3.14
N GLY A 19 -0.17 0.16 2.63
CA GLY A 19 0.84 0.84 3.43
C GLY A 19 2.21 0.20 3.31
N LYS A 20 2.30 -0.82 2.47
CA LYS A 20 3.56 -1.52 2.26
C LYS A 20 4.74 -0.55 2.31
N GLY A 21 5.84 -0.98 2.91
CA GLY A 21 7.02 -0.13 3.00
C GLY A 21 7.97 -0.34 1.84
N PHE A 22 8.66 0.72 1.45
CA PHE A 22 9.60 0.66 0.35
C PHE A 22 10.76 1.64 0.55
N TYR A 23 11.83 1.45 -0.19
CA TYR A 23 13.00 2.32 -0.09
C TYR A 23 13.20 3.12 -1.37
N THR A 24 12.18 3.12 -2.22
CA THR A 24 12.24 3.83 -3.48
C THR A 24 10.87 3.87 -4.17
N ASN A 25 10.70 4.81 -5.09
CA ASN A 25 9.44 4.94 -5.82
C ASN A 25 9.17 3.72 -6.67
N SER A 26 10.20 3.24 -7.36
CA SER A 26 10.08 2.07 -8.21
C SER A 26 9.53 0.88 -7.44
N GLN A 27 10.03 0.69 -6.22
CA GLN A 27 9.59 -0.42 -5.38
C GLN A 27 8.15 -0.22 -4.94
N CYS A 28 7.79 1.03 -4.66
CA CYS A 28 6.43 1.35 -4.22
C CYS A 28 5.42 1.04 -5.33
N TYR A 29 5.81 1.30 -6.56
CA TYR A 29 4.94 1.05 -7.71
C TYR A 29 4.87 -0.44 -8.03
N SER A 30 6.03 -1.09 -8.05
CA SER A 30 6.10 -2.51 -8.35
C SER A 30 4.99 -3.28 -7.63
N HIS A 31 4.84 -3.00 -6.34
CA HIS A 31 3.82 -3.66 -5.52
C HIS A 31 2.44 -3.10 -5.84
N GLN A 32 2.32 -1.77 -5.82
CA GLN A 32 1.05 -1.12 -6.09
C GLN A 32 0.34 -1.78 -7.26
N ARG A 33 1.11 -2.35 -8.18
CA ARG A 33 0.56 -3.02 -9.35
C ARG A 33 -0.53 -4.00 -8.94
N SER A 34 -0.28 -4.76 -7.89
CA SER A 34 -1.25 -5.74 -7.40
C SER A 34 -2.62 -5.10 -7.19
N HIS A 35 -2.62 -3.96 -6.50
CA HIS A 35 -3.87 -3.24 -6.23
C HIS A 35 -4.55 -2.82 -7.53
N SER A 36 -5.85 -3.08 -7.63
CA SER A 36 -6.61 -2.73 -8.81
C SER A 36 -8.10 -2.60 -8.49
N GLY A 37 -8.76 -1.65 -9.14
CA GLY A 37 -10.18 -1.45 -8.91
C GLY A 37 -10.88 -0.85 -10.11
N GLU A 38 -12.05 -1.37 -10.44
CA GLU A 38 -12.82 -0.89 -11.58
C GLU A 38 -13.82 0.18 -11.14
N LYS A 39 -13.42 1.01 -10.19
CA LYS A 39 -14.26 2.07 -9.67
C LYS A 39 -13.87 3.42 -10.26
N PRO A 40 -14.87 4.29 -10.47
CA PRO A 40 -14.65 5.63 -11.03
C PRO A 40 -13.92 6.55 -10.06
N SER A 41 -12.58 6.56 -10.14
CA SER A 41 -11.77 7.39 -9.27
C SER A 41 -11.39 8.69 -9.97
N GLY A 42 -11.03 8.59 -11.25
CA GLY A 42 -10.64 9.76 -12.00
C GLY A 42 -9.27 10.28 -11.62
N PRO A 43 -8.92 11.49 -12.09
CA PRO A 43 -7.63 12.11 -11.80
C PRO A 43 -7.51 12.55 -10.34
N SER A 44 -6.85 11.72 -9.55
CA SER A 44 -6.66 12.02 -8.12
C SER A 44 -5.87 13.31 -7.94
N SER A 45 -4.66 13.35 -8.48
CA SER A 45 -3.81 14.53 -8.37
C SER A 45 -3.49 15.10 -9.75
N GLY A 46 -3.36 16.43 -9.82
CA GLY A 46 -3.06 17.07 -11.08
C GLY A 46 -1.62 16.88 -11.50
ZN ZN B . -0.55 -1.93 -1.26
N GLY A 1 -13.53 3.66 2.66
CA GLY A 1 -13.13 2.34 3.14
C GLY A 1 -11.66 2.06 2.88
N SER A 2 -10.79 2.82 3.52
CA SER A 2 -9.35 2.65 3.35
C SER A 2 -8.60 3.03 4.63
N SER A 3 -7.97 2.04 5.25
CA SER A 3 -7.21 2.27 6.49
C SER A 3 -5.72 2.18 6.23
N GLY A 4 -4.94 2.85 7.08
CA GLY A 4 -3.49 2.83 6.93
C GLY A 4 -2.78 3.33 8.17
N SER A 5 -3.28 2.95 9.34
CA SER A 5 -2.69 3.37 10.60
C SER A 5 -1.26 2.85 10.72
N SER A 6 -0.30 3.70 10.35
CA SER A 6 1.11 3.33 10.41
C SER A 6 1.89 4.30 11.29
N GLY A 7 1.81 4.10 12.60
CA GLY A 7 2.52 4.97 13.53
C GLY A 7 3.95 4.55 13.74
N SER A 8 4.17 3.68 14.72
CA SER A 8 5.51 3.19 15.03
C SER A 8 6.19 2.62 13.79
N GLY A 9 7.08 3.40 13.19
CA GLY A 9 7.78 2.95 12.00
C GLY A 9 7.25 3.61 10.74
N GLU A 10 8.08 4.46 10.12
CA GLU A 10 7.68 5.16 8.91
C GLU A 10 8.76 5.01 7.84
N LYS A 11 8.33 4.97 6.58
CA LYS A 11 9.24 4.82 5.46
C LYS A 11 9.11 6.00 4.49
N PRO A 12 10.15 6.20 3.66
CA PRO A 12 10.16 7.30 2.68
C PRO A 12 9.18 7.06 1.54
N PHE A 13 8.75 5.81 1.37
CA PHE A 13 7.81 5.46 0.33
C PHE A 13 6.99 4.24 0.72
N LYS A 14 5.69 4.46 0.96
CA LYS A 14 4.79 3.37 1.34
C LYS A 14 3.56 3.34 0.44
N CYS A 15 2.96 2.16 0.31
CA CYS A 15 1.77 2.00 -0.52
C CYS A 15 0.61 2.81 0.04
N GLU A 16 -0.28 3.26 -0.84
CA GLU A 16 -1.44 4.04 -0.44
C GLU A 16 -2.64 3.14 -0.21
N GLU A 17 -2.62 1.96 -0.80
CA GLU A 17 -3.71 1.01 -0.67
C GLU A 17 -3.68 0.35 0.71
N CYS A 18 -2.60 -0.36 1.01
CA CYS A 18 -2.45 -1.03 2.29
C CYS A 18 -1.51 -0.25 3.21
N GLY A 19 -0.33 0.06 2.71
CA GLY A 19 0.64 0.81 3.49
C GLY A 19 1.99 0.12 3.54
N LYS A 20 2.26 -0.73 2.56
CA LYS A 20 3.52 -1.46 2.51
C LYS A 20 4.70 -0.52 2.74
N GLY A 21 5.90 -1.08 2.83
CA GLY A 21 7.08 -0.28 3.05
C GLY A 21 8.11 -0.46 1.96
N PHE A 22 8.71 0.64 1.51
CA PHE A 22 9.71 0.61 0.46
C PHE A 22 10.70 1.76 0.62
N TYR A 23 11.79 1.70 -0.15
CA TYR A 23 12.82 2.73 -0.10
C TYR A 23 12.93 3.46 -1.42
N THR A 24 12.67 2.74 -2.51
CA THR A 24 12.73 3.32 -3.84
C THR A 24 11.35 3.38 -4.49
N ASN A 25 11.05 4.50 -5.13
CA ASN A 25 9.76 4.69 -5.79
C ASN A 25 9.45 3.50 -6.70
N SER A 26 10.42 3.09 -7.49
CA SER A 26 10.25 1.98 -8.41
C SER A 26 9.63 0.78 -7.69
N GLN A 27 10.07 0.53 -6.47
CA GLN A 27 9.56 -0.58 -5.69
C GLN A 27 8.13 -0.32 -5.23
N CYS A 28 7.89 0.89 -4.74
CA CYS A 28 6.57 1.26 -4.27
C CYS A 28 5.51 1.03 -5.35
N TYR A 29 5.83 1.45 -6.57
CA TYR A 29 4.92 1.28 -7.70
C TYR A 29 4.74 -0.19 -8.05
N SER A 30 5.84 -0.91 -8.13
CA SER A 30 5.81 -2.34 -8.47
C SER A 30 4.71 -3.04 -7.69
N HIS A 31 4.70 -2.86 -6.38
CA HIS A 31 3.70 -3.47 -5.51
C HIS A 31 2.33 -2.84 -5.72
N GLN A 32 2.31 -1.51 -5.77
CA GLN A 32 1.05 -0.78 -5.97
C GLN A 32 0.25 -1.39 -7.12
N ARG A 33 0.93 -1.73 -8.21
CA ARG A 33 0.28 -2.32 -9.37
C ARG A 33 -0.56 -3.53 -8.97
N SER A 34 0.00 -4.36 -8.09
CA SER A 34 -0.70 -5.55 -7.64
C SER A 34 -2.15 -5.23 -7.26
N HIS A 35 -2.33 -4.19 -6.48
CA HIS A 35 -3.66 -3.77 -6.05
C HIS A 35 -4.58 -3.60 -7.25
N SER A 36 -5.52 -4.53 -7.42
CA SER A 36 -6.46 -4.49 -8.53
C SER A 36 -7.87 -4.20 -8.04
N GLY A 37 -7.98 -3.32 -7.03
CA GLY A 37 -9.27 -2.98 -6.48
C GLY A 37 -10.21 -2.43 -7.54
N GLU A 38 -11.46 -2.91 -7.51
CA GLU A 38 -12.46 -2.47 -8.47
C GLU A 38 -13.52 -1.60 -7.79
N LYS A 39 -13.20 -0.32 -7.63
CA LYS A 39 -14.12 0.61 -6.99
C LYS A 39 -14.94 1.37 -8.04
N PRO A 40 -16.18 1.73 -7.67
CA PRO A 40 -17.08 2.47 -8.57
C PRO A 40 -16.62 3.91 -8.80
N SER A 41 -16.67 4.34 -10.06
CA SER A 41 -16.26 5.69 -10.41
C SER A 41 -17.39 6.69 -10.17
N GLY A 42 -17.56 7.07 -8.91
CA GLY A 42 -18.61 8.02 -8.57
C GLY A 42 -18.95 8.00 -7.09
N PRO A 43 -18.04 8.54 -6.26
CA PRO A 43 -18.24 8.59 -4.81
C PRO A 43 -19.33 9.56 -4.40
N SER A 44 -19.99 10.16 -5.38
CA SER A 44 -21.06 11.11 -5.12
C SER A 44 -20.61 12.18 -4.14
N SER A 45 -19.49 12.83 -4.45
CA SER A 45 -18.95 13.86 -3.59
C SER A 45 -19.64 15.20 -3.86
N GLY A 46 -19.16 16.25 -3.21
CA GLY A 46 -19.74 17.57 -3.38
C GLY A 46 -19.65 18.42 -2.13
ZN ZN B . -0.55 -2.03 -1.12
N GLY A 1 -4.51 -18.49 6.28
CA GLY A 1 -3.67 -17.62 7.08
C GLY A 1 -3.33 -16.33 6.36
N SER A 2 -3.54 -15.20 7.03
CA SER A 2 -3.25 -13.90 6.44
C SER A 2 -2.52 -13.00 7.44
N SER A 3 -1.37 -12.48 7.02
CA SER A 3 -0.56 -11.62 7.87
C SER A 3 -0.98 -10.16 7.71
N GLY A 4 -1.72 -9.65 8.68
CA GLY A 4 -2.17 -8.27 8.63
C GLY A 4 -1.10 -7.29 9.06
N SER A 5 -0.31 -7.68 10.06
CA SER A 5 0.75 -6.83 10.57
C SER A 5 1.39 -6.01 9.44
N SER A 6 1.65 -4.74 9.71
CA SER A 6 2.25 -3.86 8.72
C SER A 6 3.55 -3.25 9.26
N GLY A 7 4.20 -2.44 8.42
CA GLY A 7 5.44 -1.80 8.83
C GLY A 7 5.34 -1.15 10.19
N SER A 8 6.46 -1.06 10.88
CA SER A 8 6.50 -0.46 12.22
C SER A 8 6.90 1.01 12.14
N GLY A 9 8.08 1.27 11.60
CA GLY A 9 8.56 2.64 11.46
C GLY A 9 8.16 3.27 10.15
N GLU A 10 8.40 4.57 10.03
CA GLU A 10 8.06 5.30 8.80
C GLU A 10 8.98 4.90 7.66
N LYS A 11 8.64 5.31 6.45
CA LYS A 11 9.44 5.00 5.28
C LYS A 11 9.37 6.14 4.25
N PRO A 12 10.38 6.20 3.37
CA PRO A 12 10.45 7.22 2.32
C PRO A 12 9.39 7.03 1.25
N PHE A 13 8.84 5.82 1.18
CA PHE A 13 7.81 5.51 0.19
C PHE A 13 6.98 4.31 0.63
N LYS A 14 5.67 4.50 0.70
CA LYS A 14 4.76 3.43 1.11
C LYS A 14 3.56 3.35 0.16
N CYS A 15 2.85 2.23 0.22
CA CYS A 15 1.68 2.02 -0.63
C CYS A 15 0.49 2.81 -0.11
N GLU A 16 -0.42 3.16 -1.02
CA GLU A 16 -1.61 3.92 -0.65
C GLU A 16 -2.77 2.99 -0.36
N GLU A 17 -2.76 1.80 -0.96
CA GLU A 17 -3.81 0.82 -0.76
C GLU A 17 -3.75 0.24 0.65
N CYS A 18 -2.66 -0.46 0.95
CA CYS A 18 -2.47 -1.07 2.26
C CYS A 18 -1.55 -0.23 3.14
N GLY A 19 -0.37 0.09 2.60
CA GLY A 19 0.58 0.90 3.34
C GLY A 19 1.90 0.19 3.55
N LYS A 20 2.23 -0.74 2.65
CA LYS A 20 3.47 -1.49 2.73
C LYS A 20 4.66 -0.55 2.89
N GLY A 21 5.86 -1.13 2.96
CA GLY A 21 7.06 -0.34 3.11
C GLY A 21 8.01 -0.50 1.94
N PHE A 22 8.59 0.62 1.49
CA PHE A 22 9.52 0.60 0.36
C PHE A 22 10.62 1.64 0.54
N TYR A 23 11.81 1.32 0.07
CA TYR A 23 12.95 2.23 0.18
C TYR A 23 13.11 3.06 -1.09
N THR A 24 12.66 2.50 -2.21
CA THR A 24 12.76 3.18 -3.50
C THR A 24 11.39 3.33 -4.15
N ASN A 25 11.16 4.49 -4.77
CA ASN A 25 9.89 4.75 -5.43
C ASN A 25 9.49 3.59 -6.33
N SER A 26 10.32 3.32 -7.34
CA SER A 26 10.05 2.24 -8.28
C SER A 26 9.37 1.06 -7.58
N GLN A 27 10.02 0.54 -6.55
CA GLN A 27 9.48 -0.58 -5.79
C GLN A 27 8.07 -0.28 -5.30
N CYS A 28 7.92 0.80 -4.54
CA CYS A 28 6.63 1.20 -4.00
C CYS A 28 5.53 1.04 -5.06
N TYR A 29 5.83 1.47 -6.28
CA TYR A 29 4.87 1.38 -7.37
C TYR A 29 4.70 -0.07 -7.82
N SER A 30 5.82 -0.73 -8.11
CA SER A 30 5.80 -2.12 -8.55
C SER A 30 4.77 -2.93 -7.76
N HIS A 31 4.53 -2.52 -6.53
CA HIS A 31 3.57 -3.19 -5.66
C HIS A 31 2.17 -2.60 -5.82
N GLN A 32 2.10 -1.27 -5.81
CA GLN A 32 0.83 -0.58 -5.95
C GLN A 32 0.00 -1.17 -7.09
N ARG A 33 0.68 -1.54 -8.18
CA ARG A 33 0.01 -2.12 -9.33
C ARG A 33 -0.59 -3.48 -8.99
N SER A 34 0.12 -4.23 -8.14
CA SER A 34 -0.34 -5.56 -7.74
C SER A 34 -1.78 -5.51 -7.24
N HIS A 35 -2.11 -4.45 -6.51
CA HIS A 35 -3.46 -4.28 -5.98
C HIS A 35 -4.50 -4.35 -7.09
N SER A 36 -5.65 -4.92 -6.79
CA SER A 36 -6.73 -5.06 -7.76
C SER A 36 -7.87 -4.09 -7.45
N GLY A 37 -7.67 -2.82 -7.80
CA GLY A 37 -8.68 -1.82 -7.56
C GLY A 37 -8.49 -1.11 -6.23
N GLU A 38 -9.33 -1.42 -5.25
CA GLU A 38 -9.24 -0.81 -3.93
C GLU A 38 -9.70 -1.77 -2.85
N LYS A 39 -9.31 -1.50 -1.60
CA LYS A 39 -9.68 -2.33 -0.48
C LYS A 39 -10.56 -1.56 0.50
N PRO A 40 -11.65 -2.20 0.94
CA PRO A 40 -12.60 -1.60 1.89
C PRO A 40 -11.99 -1.43 3.28
N SER A 41 -10.72 -1.80 3.43
CA SER A 41 -10.03 -1.70 4.71
C SER A 41 -10.25 -0.33 5.34
N GLY A 42 -9.95 -0.22 6.63
CA GLY A 42 -10.12 1.04 7.32
C GLY A 42 -10.11 0.88 8.83
N PRO A 43 -9.54 1.87 9.53
CA PRO A 43 -9.44 1.85 10.99
C PRO A 43 -10.80 2.03 11.66
N SER A 44 -11.29 0.95 12.28
CA SER A 44 -12.58 0.98 12.95
C SER A 44 -12.74 2.27 13.77
N SER A 45 -11.84 2.47 14.71
CA SER A 45 -11.87 3.65 15.57
C SER A 45 -10.48 4.24 15.74
N GLY A 46 -10.31 5.48 15.28
CA GLY A 46 -9.02 6.14 15.40
C GLY A 46 -8.99 7.16 16.52
ZN ZN B . -0.57 -2.08 -1.13
N GLY A 1 -5.95 -0.68 21.84
CA GLY A 1 -4.85 -1.60 21.63
C GLY A 1 -3.62 -0.90 21.06
N SER A 2 -3.84 -0.05 20.06
CA SER A 2 -2.74 0.68 19.42
C SER A 2 -2.84 2.17 19.72
N SER A 3 -2.19 2.60 20.80
CA SER A 3 -2.20 4.01 21.19
C SER A 3 -0.86 4.67 20.89
N GLY A 4 -0.82 5.99 20.99
CA GLY A 4 0.40 6.73 20.72
C GLY A 4 0.85 6.59 19.28
N SER A 5 1.11 7.72 18.64
CA SER A 5 1.55 7.73 17.24
C SER A 5 2.85 8.52 17.09
N SER A 6 3.97 7.87 17.31
CA SER A 6 5.27 8.52 17.20
C SER A 6 6.21 7.71 16.31
N GLY A 7 6.43 8.20 15.09
CA GLY A 7 7.30 7.51 14.16
C GLY A 7 6.99 6.03 14.05
N SER A 8 5.71 5.72 13.85
CA SER A 8 5.27 4.33 13.73
C SER A 8 5.76 3.73 12.42
N GLY A 9 6.98 3.19 12.44
CA GLY A 9 7.54 2.58 11.24
C GLY A 9 7.23 3.38 10.00
N GLU A 10 7.91 4.51 9.84
CA GLU A 10 7.70 5.37 8.67
C GLU A 10 8.71 5.06 7.58
N LYS A 11 8.32 5.27 6.33
CA LYS A 11 9.20 5.01 5.19
C LYS A 11 9.08 6.12 4.16
N PRO A 12 10.14 6.29 3.35
CA PRO A 12 10.18 7.32 2.30
C PRO A 12 9.23 7.00 1.15
N PHE A 13 8.73 5.77 1.11
CA PHE A 13 7.82 5.35 0.07
C PHE A 13 6.99 4.14 0.52
N LYS A 14 5.70 4.37 0.73
CA LYS A 14 4.80 3.30 1.17
C LYS A 14 3.55 3.26 0.30
N CYS A 15 2.96 2.07 0.19
CA CYS A 15 1.75 1.90 -0.62
C CYS A 15 0.59 2.70 -0.04
N GLU A 16 -0.29 3.17 -0.92
CA GLU A 16 -1.45 3.95 -0.50
C GLU A 16 -2.65 3.05 -0.23
N GLU A 17 -2.61 1.84 -0.80
CA GLU A 17 -3.70 0.89 -0.62
C GLU A 17 -3.64 0.25 0.76
N CYS A 18 -2.56 -0.46 1.04
CA CYS A 18 -2.38 -1.13 2.33
C CYS A 18 -1.44 -0.32 3.23
N GLY A 19 -0.27 0.02 2.69
CA GLY A 19 0.70 0.78 3.46
C GLY A 19 2.05 0.11 3.53
N LYS A 20 2.31 -0.79 2.59
CA LYS A 20 3.57 -1.51 2.53
C LYS A 20 4.75 -0.57 2.77
N GLY A 21 5.93 -1.14 3.00
CA GLY A 21 7.11 -0.34 3.25
C GLY A 21 8.17 -0.54 2.18
N PHE A 22 8.66 0.56 1.61
CA PHE A 22 9.68 0.49 0.58
C PHE A 22 10.68 1.63 0.73
N TYR A 23 11.88 1.44 0.17
CA TYR A 23 12.93 2.45 0.25
C TYR A 23 13.05 3.22 -1.06
N THR A 24 12.77 2.54 -2.17
CA THR A 24 12.85 3.15 -3.49
C THR A 24 11.46 3.35 -4.09
N ASN A 25 11.28 4.44 -4.82
CA ASN A 25 10.01 4.75 -5.45
C ASN A 25 9.60 3.65 -6.43
N SER A 26 10.52 3.30 -7.32
CA SER A 26 10.26 2.26 -8.31
C SER A 26 9.56 1.06 -7.67
N GLN A 27 10.11 0.59 -6.55
CA GLN A 27 9.53 -0.56 -5.86
C GLN A 27 8.12 -0.25 -5.39
N CYS A 28 7.95 0.88 -4.71
CA CYS A 28 6.65 1.28 -4.21
C CYS A 28 5.58 1.18 -5.30
N TYR A 29 5.93 1.64 -6.50
CA TYR A 29 5.00 1.59 -7.62
C TYR A 29 4.72 0.16 -8.04
N SER A 30 5.79 -0.63 -8.17
CA SER A 30 5.65 -2.03 -8.57
C SER A 30 4.55 -2.73 -7.78
N HIS A 31 4.68 -2.70 -6.45
CA HIS A 31 3.70 -3.33 -5.58
C HIS A 31 2.30 -2.77 -5.83
N GLN A 32 2.18 -1.44 -5.81
CA GLN A 32 0.90 -0.78 -6.03
C GLN A 32 0.10 -1.51 -7.11
N ARG A 33 0.73 -1.73 -8.26
CA ARG A 33 0.07 -2.41 -9.37
C ARG A 33 -0.72 -3.62 -8.86
N SER A 34 -0.09 -4.41 -8.00
CA SER A 34 -0.74 -5.60 -7.45
C SER A 34 -2.20 -5.33 -7.13
N HIS A 35 -2.45 -4.26 -6.38
CA HIS A 35 -3.81 -3.88 -6.00
C HIS A 35 -4.67 -3.67 -7.25
N SER A 36 -5.90 -4.19 -7.21
CA SER A 36 -6.82 -4.05 -8.33
C SER A 36 -8.10 -3.35 -7.90
N GLY A 37 -8.14 -2.04 -8.12
CA GLY A 37 -9.31 -1.26 -7.75
C GLY A 37 -9.20 -0.68 -6.35
N GLU A 38 -10.02 0.32 -6.07
CA GLU A 38 -10.01 0.97 -4.76
C GLU A 38 -11.11 0.39 -3.86
N LYS A 39 -10.82 0.31 -2.57
CA LYS A 39 -11.77 -0.22 -1.60
C LYS A 39 -11.69 0.54 -0.28
N PRO A 40 -12.81 0.55 0.47
CA PRO A 40 -12.89 1.23 1.76
C PRO A 40 -12.05 0.54 2.83
N SER A 41 -11.88 1.21 3.97
CA SER A 41 -11.09 0.66 5.07
C SER A 41 -12.00 0.20 6.20
N GLY A 42 -12.80 1.12 6.73
CA GLY A 42 -13.71 0.79 7.81
C GLY A 42 -13.44 1.61 9.06
N PRO A 43 -14.52 1.92 9.80
CA PRO A 43 -14.43 2.71 11.04
C PRO A 43 -13.75 1.94 12.16
N SER A 44 -13.48 0.66 11.92
CA SER A 44 -12.84 -0.19 12.92
C SER A 44 -11.58 0.47 13.46
N SER A 45 -11.73 1.26 14.53
CA SER A 45 -10.60 1.95 15.14
C SER A 45 -10.96 2.44 16.53
N GLY A 46 -10.18 2.01 17.53
CA GLY A 46 -10.44 2.42 18.89
C GLY A 46 -9.21 2.27 19.78
ZN ZN B . -0.57 -2.14 -1.13
N GLY A 1 -4.79 9.59 20.08
CA GLY A 1 -4.37 9.04 18.80
C GLY A 1 -2.94 8.56 18.82
N SER A 2 -2.05 9.30 18.17
CA SER A 2 -0.65 8.94 18.11
C SER A 2 -0.07 8.74 19.51
N SER A 3 -0.26 9.73 20.37
CA SER A 3 0.25 9.66 21.74
C SER A 3 1.74 9.35 21.76
N GLY A 4 2.48 9.98 20.86
CA GLY A 4 3.91 9.75 20.80
C GLY A 4 4.26 8.30 20.53
N SER A 5 3.51 7.67 19.63
CA SER A 5 3.73 6.26 19.29
C SER A 5 5.07 6.10 18.58
N SER A 6 6.12 5.86 19.35
CA SER A 6 7.46 5.68 18.80
C SER A 6 7.65 4.24 18.32
N GLY A 7 8.61 4.04 17.43
CA GLY A 7 8.89 2.72 16.90
C GLY A 7 9.26 2.74 15.43
N SER A 8 10.07 1.77 15.01
CA SER A 8 10.49 1.68 13.62
C SER A 8 9.38 1.13 12.73
N GLY A 9 9.08 1.85 11.66
CA GLY A 9 8.03 1.41 10.76
C GLY A 9 7.84 2.37 9.58
N GLU A 10 7.72 3.65 9.89
CA GLU A 10 7.53 4.67 8.85
C GLU A 10 8.65 4.60 7.83
N LYS A 11 8.29 4.83 6.57
CA LYS A 11 9.27 4.80 5.48
C LYS A 11 9.10 6.00 4.55
N PRO A 12 10.16 6.32 3.79
CA PRO A 12 10.14 7.45 2.86
C PRO A 12 9.23 7.20 1.65
N PHE A 13 8.84 5.94 1.47
CA PHE A 13 7.97 5.57 0.36
C PHE A 13 7.20 4.29 0.67
N LYS A 14 5.89 4.43 0.85
CA LYS A 14 5.04 3.29 1.16
C LYS A 14 3.79 3.29 0.29
N CYS A 15 3.14 2.14 0.19
CA CYS A 15 1.94 2.01 -0.62
C CYS A 15 0.81 2.88 -0.06
N GLU A 16 -0.08 3.33 -0.94
CA GLU A 16 -1.20 4.17 -0.53
C GLU A 16 -2.44 3.32 -0.24
N GLU A 17 -2.50 2.15 -0.84
CA GLU A 17 -3.62 1.24 -0.65
C GLU A 17 -3.60 0.64 0.75
N CYS A 18 -2.53 -0.08 1.06
CA CYS A 18 -2.39 -0.71 2.37
C CYS A 18 -1.39 0.05 3.24
N GLY A 19 -0.20 0.29 2.68
CA GLY A 19 0.82 1.01 3.42
C GLY A 19 2.18 0.34 3.34
N LYS A 20 2.27 -0.71 2.51
CA LYS A 20 3.51 -1.44 2.34
C LYS A 20 4.71 -0.51 2.41
N GLY A 21 5.79 -0.97 3.03
CA GLY A 21 6.99 -0.16 3.16
C GLY A 21 7.95 -0.37 2.00
N PHE A 22 8.64 0.70 1.62
CA PHE A 22 9.59 0.63 0.50
C PHE A 22 10.71 1.65 0.70
N TYR A 23 11.64 1.68 -0.26
CA TYR A 23 12.77 2.59 -0.19
C TYR A 23 12.89 3.40 -1.49
N THR A 24 12.50 2.77 -2.60
CA THR A 24 12.56 3.43 -3.90
C THR A 24 11.18 3.46 -4.56
N ASN A 25 10.83 4.62 -5.11
CA ASN A 25 9.55 4.79 -5.78
C ASN A 25 9.20 3.56 -6.62
N SER A 26 10.15 3.13 -7.45
CA SER A 26 9.95 1.97 -8.31
C SER A 26 9.38 0.80 -7.52
N GLN A 27 10.01 0.49 -6.38
CA GLN A 27 9.56 -0.60 -5.53
C GLN A 27 8.12 -0.38 -5.07
N CYS A 28 7.84 0.82 -4.61
CA CYS A 28 6.49 1.17 -4.14
C CYS A 28 5.46 0.94 -5.23
N TYR A 29 5.80 1.33 -6.46
CA TYR A 29 4.89 1.16 -7.59
C TYR A 29 4.73 -0.32 -7.94
N SER A 30 5.85 -1.01 -8.09
CA SER A 30 5.84 -2.43 -8.44
C SER A 30 4.76 -3.16 -7.64
N HIS A 31 4.58 -2.76 -6.39
CA HIS A 31 3.57 -3.40 -5.53
C HIS A 31 2.20 -2.78 -5.76
N GLN A 32 2.15 -1.45 -5.83
CA GLN A 32 0.90 -0.75 -6.05
C GLN A 32 0.10 -1.38 -7.17
N ARG A 33 0.74 -1.56 -8.32
CA ARG A 33 0.10 -2.17 -9.48
C ARG A 33 -0.51 -3.52 -9.13
N SER A 34 0.12 -4.22 -8.18
CA SER A 34 -0.34 -5.52 -7.75
C SER A 34 -1.80 -5.45 -7.27
N HIS A 35 -2.08 -4.47 -6.42
CA HIS A 35 -3.41 -4.30 -5.87
C HIS A 35 -4.46 -4.47 -6.96
N SER A 36 -5.09 -5.65 -6.99
CA SER A 36 -6.12 -5.94 -7.98
C SER A 36 -7.06 -7.03 -7.48
N GLY A 37 -8.11 -7.28 -8.25
CA GLY A 37 -9.08 -8.30 -7.86
C GLY A 37 -10.51 -7.85 -8.09
N GLU A 38 -10.84 -6.66 -7.61
CA GLU A 38 -12.18 -6.10 -7.76
C GLU A 38 -12.27 -5.20 -8.99
N LYS A 39 -13.41 -5.23 -9.66
CA LYS A 39 -13.63 -4.40 -10.84
C LYS A 39 -13.65 -2.92 -10.48
N PRO A 40 -13.07 -2.09 -11.36
CA PRO A 40 -13.01 -0.65 -11.16
C PRO A 40 -14.37 0.02 -11.29
N SER A 41 -15.38 -0.78 -11.65
CA SER A 41 -16.73 -0.27 -11.82
C SER A 41 -17.49 -0.28 -10.49
N GLY A 42 -17.65 -1.48 -9.93
CA GLY A 42 -18.36 -1.61 -8.66
C GLY A 42 -19.62 -2.45 -8.79
N PRO A 43 -20.04 -3.07 -7.67
CA PRO A 43 -21.24 -3.90 -7.63
C PRO A 43 -22.52 -3.08 -7.76
N SER A 44 -23.26 -3.34 -8.82
CA SER A 44 -24.51 -2.62 -9.07
C SER A 44 -25.72 -3.48 -8.70
N SER A 45 -25.62 -4.17 -7.57
CA SER A 45 -26.69 -5.04 -7.09
C SER A 45 -27.29 -4.51 -5.80
N GLY A 46 -27.48 -3.19 -5.73
CA GLY A 46 -28.04 -2.57 -4.55
C GLY A 46 -29.56 -2.52 -4.59
ZN ZN B . -0.59 -1.92 -1.03
N GLY A 1 -11.24 -1.96 12.55
CA GLY A 1 -11.89 -0.69 12.39
C GLY A 1 -11.39 0.35 13.37
N SER A 2 -10.35 1.08 12.98
CA SER A 2 -9.76 2.10 13.83
C SER A 2 -8.80 2.99 13.04
N SER A 3 -8.62 4.22 13.52
CA SER A 3 -7.73 5.16 12.86
C SER A 3 -6.54 5.51 13.74
N GLY A 4 -5.44 4.78 13.55
CA GLY A 4 -4.24 5.02 14.35
C GLY A 4 -3.10 5.54 13.51
N SER A 5 -2.79 6.83 13.65
CA SER A 5 -1.72 7.45 12.90
C SER A 5 -0.38 7.28 13.63
N SER A 6 -0.39 7.56 14.93
CA SER A 6 0.82 7.45 15.74
C SER A 6 1.30 6.00 15.80
N GLY A 7 2.61 5.82 15.90
CA GLY A 7 3.17 4.48 15.97
C GLY A 7 4.45 4.35 15.17
N SER A 8 4.96 3.12 15.07
CA SER A 8 6.19 2.86 14.34
C SER A 8 5.91 2.22 13.00
N GLY A 9 6.81 2.41 12.04
CA GLY A 9 6.62 1.84 10.72
C GLY A 9 6.54 2.89 9.64
N GLU A 10 7.41 3.88 9.71
CA GLU A 10 7.43 4.97 8.73
C GLU A 10 8.53 4.75 7.69
N LYS A 11 8.24 5.11 6.45
CA LYS A 11 9.21 4.95 5.37
C LYS A 11 9.09 6.09 4.36
N PRO A 12 10.15 6.30 3.57
CA PRO A 12 10.18 7.36 2.55
C PRO A 12 9.24 7.08 1.39
N PHE A 13 8.83 5.82 1.26
CA PHE A 13 7.93 5.41 0.19
C PHE A 13 7.11 4.20 0.60
N LYS A 14 5.80 4.39 0.77
CA LYS A 14 4.91 3.32 1.15
C LYS A 14 3.69 3.26 0.25
N CYS A 15 2.99 2.13 0.26
CA CYS A 15 1.81 1.95 -0.57
C CYS A 15 0.63 2.76 -0.02
N GLU A 16 -0.24 3.21 -0.91
CA GLU A 16 -1.40 3.99 -0.52
C GLU A 16 -2.61 3.09 -0.25
N GLU A 17 -2.58 1.90 -0.85
CA GLU A 17 -3.67 0.94 -0.66
C GLU A 17 -3.63 0.33 0.73
N CYS A 18 -2.57 -0.40 1.01
CA CYS A 18 -2.41 -1.05 2.31
C CYS A 18 -1.47 -0.26 3.21
N GLY A 19 -0.28 0.05 2.68
CA GLY A 19 0.69 0.80 3.44
C GLY A 19 2.06 0.14 3.47
N LYS A 20 2.29 -0.77 2.54
CA LYS A 20 3.55 -1.49 2.45
C LYS A 20 4.73 -0.53 2.64
N GLY A 21 5.89 -1.08 2.94
CA GLY A 21 7.08 -0.27 3.14
C GLY A 21 8.10 -0.44 2.03
N PHE A 22 8.70 0.65 1.60
CA PHE A 22 9.71 0.62 0.54
C PHE A 22 10.73 1.73 0.71
N TYR A 23 11.78 1.70 -0.09
CA TYR A 23 12.84 2.70 -0.02
C TYR A 23 12.94 3.47 -1.34
N THR A 24 12.67 2.78 -2.44
CA THR A 24 12.73 3.38 -3.77
C THR A 24 11.35 3.44 -4.41
N ASN A 25 11.06 4.56 -5.08
CA ASN A 25 9.78 4.74 -5.73
C ASN A 25 9.44 3.53 -6.60
N SER A 26 10.34 3.19 -7.52
CA SER A 26 10.14 2.06 -8.41
C SER A 26 9.52 0.88 -7.66
N GLN A 27 10.12 0.53 -6.52
CA GLN A 27 9.63 -0.58 -5.72
C GLN A 27 8.19 -0.35 -5.28
N CYS A 28 7.92 0.83 -4.72
CA CYS A 28 6.59 1.17 -4.26
C CYS A 28 5.57 0.95 -5.36
N TYR A 29 5.87 1.43 -6.56
CA TYR A 29 4.96 1.29 -7.70
C TYR A 29 4.80 -0.19 -8.07
N SER A 30 5.90 -0.92 -8.06
CA SER A 30 5.89 -2.33 -8.41
C SER A 30 4.77 -3.06 -7.66
N HIS A 31 4.71 -2.86 -6.35
CA HIS A 31 3.70 -3.49 -5.51
C HIS A 31 2.34 -2.80 -5.69
N GLN A 32 2.35 -1.48 -5.62
CA GLN A 32 1.12 -0.70 -5.77
C GLN A 32 0.25 -1.27 -6.89
N ARG A 33 0.89 -1.62 -8.01
CA ARG A 33 0.17 -2.18 -9.15
C ARG A 33 -0.66 -3.39 -8.74
N SER A 34 -0.06 -4.28 -7.96
CA SER A 34 -0.74 -5.49 -7.50
C SER A 34 -2.20 -5.18 -7.18
N HIS A 35 -2.42 -4.16 -6.35
CA HIS A 35 -3.77 -3.77 -5.96
C HIS A 35 -4.64 -3.51 -7.19
N SER A 36 -5.24 -4.58 -7.72
CA SER A 36 -6.10 -4.47 -8.89
C SER A 36 -7.53 -4.86 -8.57
N GLY A 37 -7.70 -6.08 -8.04
CA GLY A 37 -9.02 -6.55 -7.69
C GLY A 37 -9.33 -6.38 -6.21
N GLU A 38 -10.54 -5.92 -5.92
CA GLU A 38 -10.95 -5.69 -4.54
C GLU A 38 -11.16 -7.02 -3.81
N LYS A 39 -10.85 -7.03 -2.52
CA LYS A 39 -11.00 -8.23 -1.71
C LYS A 39 -11.90 -7.97 -0.50
N PRO A 40 -12.73 -8.96 -0.15
CA PRO A 40 -13.64 -8.85 1.00
C PRO A 40 -12.90 -8.88 2.33
N SER A 41 -13.37 -8.05 3.26
CA SER A 41 -12.75 -7.97 4.58
C SER A 41 -13.56 -8.74 5.61
N GLY A 42 -12.86 -9.41 6.54
CA GLY A 42 -13.54 -10.18 7.56
C GLY A 42 -14.49 -9.33 8.39
N PRO A 43 -14.79 -9.80 9.61
CA PRO A 43 -15.69 -9.10 10.53
C PRO A 43 -15.09 -7.81 11.06
N SER A 44 -13.78 -7.69 10.95
CA SER A 44 -13.08 -6.50 11.43
C SER A 44 -11.65 -6.46 10.90
N SER A 45 -11.23 -5.29 10.42
CA SER A 45 -9.88 -5.13 9.89
C SER A 45 -9.11 -4.07 10.68
N GLY A 46 -8.08 -4.52 11.39
CA GLY A 46 -7.27 -3.61 12.18
C GLY A 46 -7.25 -3.97 13.65
ZN ZN B . -0.52 -2.10 -1.09
N GLY A 1 -5.83 15.01 7.88
CA GLY A 1 -6.17 14.65 9.25
C GLY A 1 -5.28 13.56 9.80
N SER A 2 -3.97 13.79 9.76
CA SER A 2 -3.00 12.82 10.26
C SER A 2 -3.56 12.06 11.45
N SER A 3 -3.27 10.77 11.53
CA SER A 3 -3.74 9.94 12.62
C SER A 3 -2.77 9.96 13.80
N GLY A 4 -1.49 9.77 13.51
CA GLY A 4 -0.48 9.78 14.54
C GLY A 4 -0.95 9.12 15.83
N SER A 5 -1.34 7.86 15.74
CA SER A 5 -1.82 7.11 16.90
C SER A 5 -1.13 5.76 17.01
N SER A 6 -1.07 5.04 15.89
CA SER A 6 -0.44 3.73 15.86
C SER A 6 1.04 3.85 15.49
N GLY A 7 1.89 3.92 16.52
CA GLY A 7 3.32 4.04 16.28
C GLY A 7 3.86 2.87 15.47
N SER A 8 4.13 3.12 14.19
CA SER A 8 4.65 2.08 13.31
C SER A 8 5.87 2.61 12.53
N GLY A 9 6.72 1.68 12.10
CA GLY A 9 7.90 2.05 11.36
C GLY A 9 7.57 2.73 10.04
N GLU A 10 7.71 4.05 10.00
CA GLU A 10 7.41 4.82 8.80
C GLU A 10 8.52 4.64 7.76
N LYS A 11 8.26 5.10 6.54
CA LYS A 11 9.23 4.99 5.46
C LYS A 11 9.09 6.17 4.50
N PRO A 12 10.15 6.41 3.70
CA PRO A 12 10.17 7.49 2.71
C PRO A 12 9.22 7.24 1.55
N PHE A 13 8.77 6.00 1.42
CA PHE A 13 7.86 5.62 0.34
C PHE A 13 7.07 4.37 0.71
N LYS A 14 5.77 4.54 0.94
CA LYS A 14 4.90 3.42 1.30
C LYS A 14 3.68 3.36 0.39
N CYS A 15 3.04 2.21 0.33
CA CYS A 15 1.86 2.02 -0.50
C CYS A 15 0.69 2.82 0.05
N GLU A 16 -0.20 3.27 -0.85
CA GLU A 16 -1.37 4.04 -0.45
C GLU A 16 -2.56 3.13 -0.20
N GLU A 17 -2.54 1.95 -0.80
CA GLU A 17 -3.62 0.99 -0.64
C GLU A 17 -3.60 0.36 0.75
N CYS A 18 -2.51 -0.34 1.06
CA CYS A 18 -2.36 -0.98 2.35
C CYS A 18 -1.40 -0.21 3.25
N GLY A 19 -0.21 0.09 2.71
CA GLY A 19 0.78 0.84 3.48
C GLY A 19 2.12 0.13 3.54
N LYS A 20 2.36 -0.74 2.56
CA LYS A 20 3.62 -1.49 2.50
C LYS A 20 4.81 -0.55 2.63
N GLY A 21 5.96 -1.10 3.00
CA GLY A 21 7.16 -0.31 3.16
C GLY A 21 8.09 -0.44 1.97
N PHE A 22 8.71 0.66 1.57
CA PHE A 22 9.64 0.66 0.45
C PHE A 22 10.74 1.70 0.64
N TYR A 23 11.67 1.75 -0.30
CA TYR A 23 12.77 2.70 -0.24
C TYR A 23 12.90 3.48 -1.54
N THR A 24 12.51 2.84 -2.65
CA THR A 24 12.59 3.48 -3.96
C THR A 24 11.22 3.49 -4.63
N ASN A 25 10.85 4.64 -5.20
CA ASN A 25 9.57 4.77 -5.88
C ASN A 25 9.25 3.53 -6.70
N SER A 26 10.25 3.06 -7.45
CA SER A 26 10.08 1.88 -8.28
C SER A 26 9.49 0.72 -7.48
N GLN A 27 10.13 0.40 -6.37
CA GLN A 27 9.66 -0.70 -5.51
C GLN A 27 8.22 -0.47 -5.07
N CYS A 28 7.93 0.74 -4.60
CA CYS A 28 6.60 1.09 -4.14
C CYS A 28 5.56 0.79 -5.22
N TYR A 29 5.86 1.20 -6.45
CA TYR A 29 4.96 0.98 -7.57
C TYR A 29 4.83 -0.51 -7.88
N SER A 30 5.96 -1.16 -8.11
CA SER A 30 5.99 -2.58 -8.43
C SER A 30 4.94 -3.34 -7.59
N HIS A 31 4.64 -2.81 -6.42
CA HIS A 31 3.66 -3.42 -5.53
C HIS A 31 2.27 -2.83 -5.76
N GLN A 32 2.21 -1.51 -5.83
CA GLN A 32 0.94 -0.81 -6.03
C GLN A 32 0.18 -1.42 -7.22
N ARG A 33 0.87 -1.56 -8.34
CA ARG A 33 0.26 -2.13 -9.54
C ARG A 33 -0.54 -3.38 -9.20
N SER A 34 -0.07 -4.14 -8.23
CA SER A 34 -0.74 -5.36 -7.81
C SER A 34 -2.17 -5.06 -7.35
N HIS A 35 -2.31 -4.07 -6.49
CA HIS A 35 -3.62 -3.68 -5.97
C HIS A 35 -4.63 -3.52 -7.10
N SER A 36 -5.81 -4.10 -6.94
CA SER A 36 -6.86 -4.01 -7.94
C SER A 36 -8.16 -4.61 -7.43
N GLY A 37 -9.16 -3.76 -7.27
CA GLY A 37 -10.45 -4.22 -6.78
C GLY A 37 -11.58 -3.27 -7.14
N GLU A 38 -11.64 -2.88 -8.40
CA GLU A 38 -12.68 -1.97 -8.87
C GLU A 38 -13.54 -2.63 -9.94
N LYS A 39 -14.79 -2.90 -9.59
CA LYS A 39 -15.73 -3.53 -10.52
C LYS A 39 -16.59 -2.48 -11.22
N PRO A 40 -16.49 -2.43 -12.56
CA PRO A 40 -17.26 -1.49 -13.38
C PRO A 40 -18.75 -1.81 -13.40
N SER A 41 -19.07 -3.08 -13.21
CA SER A 41 -20.46 -3.53 -13.21
C SER A 41 -20.71 -4.54 -12.09
N GLY A 42 -21.99 -4.82 -11.85
CA GLY A 42 -22.34 -5.76 -10.81
C GLY A 42 -22.70 -5.09 -9.51
N PRO A 43 -23.94 -4.62 -9.38
CA PRO A 43 -24.43 -3.94 -8.19
C PRO A 43 -24.57 -4.88 -7.00
N SER A 44 -24.20 -6.14 -7.19
CA SER A 44 -24.27 -7.14 -6.14
C SER A 44 -23.07 -7.05 -5.20
N SER A 45 -23.32 -6.59 -3.98
CA SER A 45 -22.26 -6.44 -2.98
C SER A 45 -22.17 -7.67 -2.11
N GLY A 46 -21.13 -7.72 -1.27
CA GLY A 46 -20.95 -8.86 -0.37
C GLY A 46 -19.52 -8.97 0.12
ZN ZN B . -0.46 -2.02 -1.03
N GLY A 1 -7.43 -11.69 23.78
CA GLY A 1 -7.04 -10.30 23.59
C GLY A 1 -5.56 -10.08 23.78
N SER A 2 -4.88 -9.70 22.70
CA SER A 2 -3.44 -9.47 22.74
C SER A 2 -2.95 -8.88 21.43
N SER A 3 -2.50 -7.62 21.48
CA SER A 3 -2.00 -6.95 20.29
C SER A 3 -0.56 -6.48 20.49
N GLY A 4 0.38 -7.32 20.12
CA GLY A 4 1.79 -6.99 20.26
C GLY A 4 2.27 -6.04 19.18
N SER A 5 2.96 -4.98 19.59
CA SER A 5 3.48 -3.99 18.65
C SER A 5 4.80 -4.46 18.04
N SER A 6 5.16 -3.87 16.91
CA SER A 6 6.41 -4.21 16.23
C SER A 6 7.53 -3.26 16.63
N GLY A 7 7.26 -1.96 16.49
CA GLY A 7 8.26 -0.97 16.84
C GLY A 7 8.93 -0.37 15.62
N SER A 8 8.18 0.42 14.87
CA SER A 8 8.71 1.06 13.67
C SER A 8 7.88 2.27 13.28
N GLY A 9 8.54 3.40 13.07
CA GLY A 9 7.84 4.62 12.69
C GLY A 9 7.20 4.52 11.32
N GLU A 10 7.95 4.91 10.30
CA GLU A 10 7.43 4.87 8.93
C GLU A 10 8.59 4.83 7.92
N LYS A 11 8.25 4.80 6.64
CA LYS A 11 9.24 4.76 5.58
C LYS A 11 9.10 5.96 4.65
N PRO A 12 10.18 6.25 3.90
CA PRO A 12 10.19 7.37 2.96
C PRO A 12 9.29 7.14 1.75
N PHE A 13 8.88 5.89 1.57
CA PHE A 13 8.02 5.53 0.45
C PHE A 13 7.25 4.24 0.75
N LYS A 14 5.94 4.36 0.91
CA LYS A 14 5.10 3.20 1.19
C LYS A 14 3.85 3.20 0.31
N CYS A 15 3.25 2.03 0.14
CA CYS A 15 2.06 1.89 -0.69
C CYS A 15 0.93 2.76 -0.16
N GLU A 16 0.11 3.27 -1.07
CA GLU A 16 -1.02 4.11 -0.69
C GLU A 16 -2.27 3.27 -0.46
N GLU A 17 -2.29 2.07 -1.02
CA GLU A 17 -3.43 1.18 -0.86
C GLU A 17 -3.46 0.58 0.54
N CYS A 18 -2.41 -0.17 0.89
CA CYS A 18 -2.31 -0.79 2.19
C CYS A 18 -1.35 -0.03 3.10
N GLY A 19 -0.15 0.21 2.60
CA GLY A 19 0.85 0.93 3.37
C GLY A 19 2.22 0.27 3.31
N LYS A 20 2.32 -0.79 2.51
CA LYS A 20 3.59 -1.51 2.37
C LYS A 20 4.77 -0.56 2.47
N GLY A 21 5.85 -1.04 3.08
CA GLY A 21 7.05 -0.23 3.23
C GLY A 21 8.03 -0.44 2.11
N PHE A 22 8.66 0.65 1.66
CA PHE A 22 9.64 0.58 0.58
C PHE A 22 10.74 1.62 0.76
N TYR A 23 11.72 1.59 -0.13
CA TYR A 23 12.83 2.54 -0.06
C TYR A 23 12.97 3.32 -1.36
N THR A 24 12.56 2.69 -2.47
CA THR A 24 12.65 3.32 -3.77
C THR A 24 11.26 3.49 -4.39
N ASN A 25 11.02 4.66 -4.96
CA ASN A 25 9.72 4.95 -5.58
C ASN A 25 9.32 3.83 -6.54
N SER A 26 10.28 3.35 -7.31
CA SER A 26 10.02 2.28 -8.26
C SER A 26 9.30 1.11 -7.60
N GLN A 27 9.92 0.55 -6.57
CA GLN A 27 9.34 -0.58 -5.85
C GLN A 27 7.93 -0.24 -5.36
N CYS A 28 7.80 0.90 -4.70
CA CYS A 28 6.51 1.34 -4.18
C CYS A 28 5.43 1.22 -5.25
N TYR A 29 5.76 1.65 -6.47
CA TYR A 29 4.81 1.59 -7.58
C TYR A 29 4.61 0.15 -8.06
N SER A 30 5.72 -0.59 -8.13
CA SER A 30 5.66 -1.98 -8.58
C SER A 30 4.62 -2.77 -7.80
N HIS A 31 4.74 -2.74 -6.48
CA HIS A 31 3.81 -3.46 -5.61
C HIS A 31 2.37 -3.01 -5.88
N GLN A 32 2.17 -1.70 -5.96
CA GLN A 32 0.84 -1.14 -6.21
C GLN A 32 0.11 -1.95 -7.27
N ARG A 33 0.83 -2.32 -8.32
CA ARG A 33 0.24 -3.10 -9.41
C ARG A 33 -0.70 -4.17 -8.86
N SER A 34 -0.24 -4.89 -7.84
CA SER A 34 -1.04 -5.95 -7.24
C SER A 34 -2.47 -5.50 -7.02
N HIS A 35 -2.64 -4.33 -6.40
CA HIS A 35 -3.95 -3.78 -6.13
C HIS A 35 -4.70 -3.47 -7.44
N SER A 36 -3.99 -2.86 -8.38
CA SER A 36 -4.58 -2.50 -9.67
C SER A 36 -5.27 -3.71 -10.29
N GLY A 37 -6.60 -3.68 -10.30
CA GLY A 37 -7.37 -4.77 -10.86
C GLY A 37 -8.35 -5.37 -9.87
N GLU A 38 -7.86 -5.69 -8.68
CA GLU A 38 -8.70 -6.27 -7.65
C GLU A 38 -9.99 -5.48 -7.48
N LYS A 39 -11.12 -6.17 -7.53
CA LYS A 39 -12.42 -5.53 -7.37
C LYS A 39 -12.54 -4.82 -6.03
N PRO A 40 -13.11 -3.62 -6.04
CA PRO A 40 -13.29 -2.82 -4.82
C PRO A 40 -14.33 -3.42 -3.88
N SER A 41 -15.29 -4.13 -4.46
CA SER A 41 -16.36 -4.75 -3.67
C SER A 41 -16.83 -6.04 -4.33
N GLY A 42 -16.83 -7.12 -3.55
CA GLY A 42 -17.26 -8.41 -4.06
C GLY A 42 -18.67 -8.76 -3.66
N PRO A 43 -19.55 -8.98 -4.65
CA PRO A 43 -20.96 -9.32 -4.41
C PRO A 43 -21.11 -10.72 -3.83
N SER A 44 -20.17 -11.60 -4.14
CA SER A 44 -20.22 -12.98 -3.65
C SER A 44 -20.04 -13.01 -2.14
N SER A 45 -20.79 -13.90 -1.48
CA SER A 45 -20.72 -14.03 -0.04
C SER A 45 -20.09 -15.37 0.36
N GLY A 46 -19.23 -15.33 1.37
CA GLY A 46 -18.57 -16.55 1.82
C GLY A 46 -19.48 -17.75 1.78
ZN ZN B . -0.43 -2.06 -1.15
N GLY A 1 -1.28 -8.68 11.05
CA GLY A 1 -0.44 -7.73 11.76
C GLY A 1 -1.01 -6.32 11.75
N SER A 2 -0.71 -5.56 12.78
CA SER A 2 -1.20 -4.18 12.88
C SER A 2 -0.36 -3.37 13.86
N SER A 3 -0.35 -2.06 13.68
CA SER A 3 0.42 -1.17 14.53
C SER A 3 -0.24 -1.00 15.89
N GLY A 4 0.42 -0.29 16.79
CA GLY A 4 -0.11 -0.07 18.12
C GLY A 4 0.63 1.00 18.89
N SER A 5 1.96 0.97 18.79
CA SER A 5 2.80 1.95 19.48
C SER A 5 3.62 2.76 18.49
N SER A 6 4.11 3.91 18.95
CA SER A 6 4.91 4.79 18.10
C SER A 6 6.30 4.20 17.86
N GLY A 7 7.11 4.92 17.09
CA GLY A 7 8.46 4.46 16.81
C GLY A 7 8.62 3.96 15.39
N SER A 8 9.40 2.90 15.21
CA SER A 8 9.63 2.34 13.89
C SER A 8 8.31 1.98 13.21
N GLY A 9 7.77 2.91 12.42
CA GLY A 9 6.53 2.66 11.73
C GLY A 9 6.30 3.65 10.59
N GLU A 10 7.34 3.90 9.80
CA GLU A 10 7.23 4.83 8.69
C GLU A 10 8.37 4.61 7.70
N LYS A 11 8.20 5.11 6.48
CA LYS A 11 9.21 4.98 5.44
C LYS A 11 9.13 6.12 4.44
N PRO A 12 10.21 6.32 3.67
CA PRO A 12 10.28 7.38 2.66
C PRO A 12 9.36 7.11 1.47
N PHE A 13 8.87 5.88 1.38
CA PHE A 13 7.98 5.48 0.29
C PHE A 13 7.22 4.21 0.64
N LYS A 14 5.90 4.34 0.77
CA LYS A 14 5.05 3.21 1.10
C LYS A 14 3.82 3.17 0.20
N CYS A 15 3.14 2.02 0.19
CA CYS A 15 1.94 1.86 -0.62
C CYS A 15 0.81 2.75 -0.11
N GLU A 16 -0.08 3.14 -1.02
CA GLU A 16 -1.22 3.99 -0.66
C GLU A 16 -2.44 3.15 -0.33
N GLU A 17 -2.50 1.95 -0.91
CA GLU A 17 -3.62 1.05 -0.68
C GLU A 17 -3.60 0.49 0.73
N CYS A 18 -2.53 -0.22 1.06
CA CYS A 18 -2.38 -0.81 2.40
C CYS A 18 -1.39 -0.01 3.24
N GLY A 19 -0.21 0.22 2.67
CA GLY A 19 0.82 0.96 3.39
C GLY A 19 2.17 0.28 3.34
N LYS A 20 2.28 -0.75 2.51
CA LYS A 20 3.54 -1.49 2.37
C LYS A 20 4.73 -0.55 2.43
N GLY A 21 5.80 -1.01 3.08
CA GLY A 21 6.99 -0.20 3.20
C GLY A 21 7.95 -0.40 2.05
N PHE A 22 8.63 0.66 1.64
CA PHE A 22 9.57 0.59 0.54
C PHE A 22 10.70 1.61 0.72
N TYR A 23 11.63 1.63 -0.24
CA TYR A 23 12.75 2.56 -0.18
C TYR A 23 12.91 3.32 -1.50
N THR A 24 12.57 2.65 -2.59
CA THR A 24 12.67 3.25 -3.92
C THR A 24 11.30 3.32 -4.59
N ASN A 25 10.95 4.51 -5.06
CA ASN A 25 9.66 4.72 -5.73
C ASN A 25 9.31 3.52 -6.61
N SER A 26 10.30 3.07 -7.39
CA SER A 26 10.09 1.93 -8.29
C SER A 26 9.41 0.78 -7.56
N GLN A 27 9.97 0.38 -6.43
CA GLN A 27 9.41 -0.71 -5.64
C GLN A 27 8.00 -0.38 -5.20
N CYS A 28 7.81 0.80 -4.62
CA CYS A 28 6.50 1.22 -4.15
C CYS A 28 5.45 1.04 -5.23
N TYR A 29 5.78 1.46 -6.45
CA TYR A 29 4.85 1.34 -7.57
C TYR A 29 4.59 -0.12 -7.92
N SER A 30 5.67 -0.87 -8.14
CA SER A 30 5.56 -2.29 -8.48
C SER A 30 4.46 -2.95 -7.67
N HIS A 31 4.49 -2.75 -6.35
CA HIS A 31 3.50 -3.34 -5.46
C HIS A 31 2.15 -2.63 -5.60
N GLN A 32 2.19 -1.30 -5.62
CA GLN A 32 0.97 -0.51 -5.75
C GLN A 32 0.12 -1.02 -6.91
N ARG A 33 0.76 -1.29 -8.04
CA ARG A 33 0.06 -1.78 -9.22
C ARG A 33 -0.44 -3.21 -9.01
N SER A 34 0.23 -3.93 -8.11
CA SER A 34 -0.15 -5.31 -7.81
C SER A 34 -1.58 -5.38 -7.29
N HIS A 35 -1.91 -4.50 -6.36
CA HIS A 35 -3.26 -4.46 -5.78
C HIS A 35 -4.32 -4.71 -6.84
N SER A 36 -4.27 -3.92 -7.91
CA SER A 36 -5.24 -4.05 -9.00
C SER A 36 -4.93 -5.28 -9.84
N GLY A 37 -5.68 -6.36 -9.61
CA GLY A 37 -5.47 -7.58 -10.36
C GLY A 37 -6.12 -8.78 -9.69
N GLU A 38 -5.45 -9.31 -8.66
CA GLU A 38 -5.97 -10.46 -7.94
C GLU A 38 -6.19 -10.13 -6.47
N LYS A 39 -6.74 -11.09 -5.72
CA LYS A 39 -7.01 -10.89 -4.30
C LYS A 39 -6.96 -12.22 -3.56
N PRO A 40 -6.51 -12.18 -2.29
CA PRO A 40 -6.40 -13.38 -1.45
C PRO A 40 -7.77 -13.91 -1.05
N SER A 41 -7.83 -15.21 -0.77
CA SER A 41 -9.08 -15.86 -0.37
C SER A 41 -9.19 -15.93 1.15
N GLY A 42 -8.79 -14.86 1.82
CA GLY A 42 -8.85 -14.81 3.26
C GLY A 42 -10.28 -14.82 3.78
N PRO A 43 -10.47 -14.32 5.01
CA PRO A 43 -11.79 -14.27 5.64
C PRO A 43 -12.70 -13.24 4.99
N SER A 44 -13.88 -13.68 4.55
CA SER A 44 -14.83 -12.79 3.90
C SER A 44 -16.22 -13.40 3.91
N SER A 45 -17.24 -12.55 3.99
CA SER A 45 -18.63 -13.01 4.01
C SER A 45 -18.87 -14.04 2.92
N GLY A 46 -19.23 -15.25 3.33
CA GLY A 46 -19.49 -16.32 2.38
C GLY A 46 -18.26 -17.17 2.11
ZN ZN B . -0.55 -2.11 -0.94
N GLY A 1 -10.65 6.81 7.49
CA GLY A 1 -9.26 7.16 7.31
C GLY A 1 -8.34 5.95 7.40
N SER A 2 -7.07 6.15 7.02
CA SER A 2 -6.10 5.06 7.05
C SER A 2 -4.90 5.44 7.90
N SER A 3 -4.76 4.79 9.06
CA SER A 3 -3.66 5.04 9.97
C SER A 3 -2.88 3.76 10.26
N GLY A 4 -1.56 3.82 10.07
CA GLY A 4 -0.73 2.66 10.33
C GLY A 4 -0.55 2.40 11.81
N SER A 5 -0.52 1.12 12.19
CA SER A 5 -0.35 0.74 13.58
C SER A 5 0.59 1.70 14.30
N SER A 6 0.39 1.85 15.61
CA SER A 6 1.23 2.73 16.40
C SER A 6 2.67 2.23 16.46
N GLY A 7 3.54 2.99 17.12
CA GLY A 7 4.93 2.60 17.24
C GLY A 7 5.76 3.06 16.06
N SER A 8 6.94 2.47 15.89
CA SER A 8 7.83 2.82 14.80
C SER A 8 7.53 1.99 13.56
N GLY A 9 7.40 2.66 12.42
CA GLY A 9 7.12 1.96 11.18
C GLY A 9 6.88 2.92 10.03
N GLU A 10 7.69 3.97 9.95
CA GLU A 10 7.56 4.95 8.89
C GLU A 10 8.63 4.75 7.82
N LYS A 11 8.31 5.11 6.58
CA LYS A 11 9.25 4.97 5.47
C LYS A 11 9.11 6.12 4.49
N PRO A 12 10.15 6.34 3.68
CA PRO A 12 10.17 7.41 2.68
C PRO A 12 9.21 7.16 1.53
N PHE A 13 8.90 5.88 1.30
CA PHE A 13 7.98 5.51 0.23
C PHE A 13 7.16 4.29 0.63
N LYS A 14 5.85 4.50 0.79
CA LYS A 14 4.95 3.42 1.17
C LYS A 14 3.73 3.38 0.25
N CYS A 15 3.07 2.23 0.21
CA CYS A 15 1.88 2.06 -0.63
C CYS A 15 0.71 2.88 -0.09
N GLU A 16 -0.20 3.27 -0.97
CA GLU A 16 -1.36 4.05 -0.59
C GLU A 16 -2.55 3.15 -0.29
N GLU A 17 -2.57 1.98 -0.91
CA GLU A 17 -3.65 1.02 -0.71
C GLU A 17 -3.59 0.42 0.70
N CYS A 18 -2.51 -0.29 0.98
CA CYS A 18 -2.33 -0.91 2.29
C CYS A 18 -1.36 -0.10 3.15
N GLY A 19 -0.18 0.18 2.62
CA GLY A 19 0.81 0.94 3.34
C GLY A 19 2.14 0.22 3.44
N LYS A 20 2.36 -0.74 2.54
CA LYS A 20 3.60 -1.50 2.52
C LYS A 20 4.81 -0.57 2.68
N GLY A 21 5.93 -1.14 3.12
CA GLY A 21 7.13 -0.36 3.30
C GLY A 21 8.11 -0.53 2.16
N PHE A 22 8.71 0.59 1.72
CA PHE A 22 9.67 0.56 0.62
C PHE A 22 10.73 1.65 0.79
N TYR A 23 11.70 1.66 -0.10
CA TYR A 23 12.77 2.64 -0.05
C TYR A 23 12.88 3.41 -1.37
N THR A 24 12.53 2.73 -2.47
CA THR A 24 12.60 3.34 -3.78
C THR A 24 11.22 3.39 -4.44
N ASN A 25 10.89 4.52 -5.02
CA ASN A 25 9.59 4.70 -5.69
C ASN A 25 9.27 3.50 -6.57
N SER A 26 10.22 3.16 -7.45
CA SER A 26 10.03 2.03 -8.36
C SER A 26 9.44 0.83 -7.63
N GLN A 27 10.04 0.47 -6.50
CA GLN A 27 9.57 -0.66 -5.71
C GLN A 27 8.14 -0.44 -5.22
N CYS A 28 7.90 0.75 -4.66
CA CYS A 28 6.58 1.09 -4.16
C CYS A 28 5.52 0.92 -5.24
N TYR A 29 5.85 1.35 -6.45
CA TYR A 29 4.92 1.25 -7.58
C TYR A 29 4.73 -0.20 -8.01
N SER A 30 5.85 -0.91 -8.17
CA SER A 30 5.82 -2.32 -8.57
C SER A 30 4.74 -3.08 -7.80
N HIS A 31 4.57 -2.71 -6.53
CA HIS A 31 3.59 -3.36 -5.68
C HIS A 31 2.21 -2.71 -5.84
N GLN A 32 2.20 -1.38 -5.81
CA GLN A 32 0.95 -0.63 -5.94
C GLN A 32 0.09 -1.22 -7.06
N ARG A 33 0.72 -1.57 -8.16
CA ARG A 33 0.01 -2.14 -9.30
C ARG A 33 -0.63 -3.47 -8.93
N SER A 34 0.04 -4.23 -8.06
CA SER A 34 -0.47 -5.52 -7.62
C SER A 34 -1.93 -5.42 -7.20
N HIS A 35 -2.26 -4.35 -6.48
CA HIS A 35 -3.63 -4.14 -6.01
C HIS A 35 -4.60 -4.12 -7.18
N SER A 36 -5.64 -4.94 -7.08
CA SER A 36 -6.66 -5.02 -8.14
C SER A 36 -7.71 -3.93 -7.97
N GLY A 37 -7.24 -2.70 -7.74
CA GLY A 37 -8.16 -1.59 -7.56
C GLY A 37 -8.40 -0.83 -8.85
N GLU A 38 -7.32 -0.28 -9.42
CA GLU A 38 -7.42 0.48 -10.65
C GLU A 38 -7.88 -0.42 -11.81
N LYS A 39 -9.04 -0.09 -12.37
CA LYS A 39 -9.58 -0.86 -13.49
C LYS A 39 -9.57 -0.05 -14.78
N PRO A 40 -9.38 -0.75 -15.91
CA PRO A 40 -9.34 -0.10 -17.22
C PRO A 40 -10.71 0.42 -17.66
N SER A 41 -10.97 1.69 -17.35
CA SER A 41 -12.25 2.31 -17.70
C SER A 41 -12.55 2.11 -19.17
N GLY A 42 -13.84 2.19 -19.52
CA GLY A 42 -14.25 2.02 -20.90
C GLY A 42 -15.54 1.25 -21.03
N PRO A 43 -15.48 -0.08 -20.83
CA PRO A 43 -16.65 -0.95 -20.91
C PRO A 43 -17.63 -0.72 -19.77
N SER A 44 -18.81 -1.31 -19.88
CA SER A 44 -19.84 -1.17 -18.86
C SER A 44 -19.31 -1.57 -17.49
N SER A 45 -19.92 -1.04 -16.44
CA SER A 45 -19.49 -1.33 -15.08
C SER A 45 -19.45 -2.85 -14.84
N GLY A 46 -20.58 -3.50 -15.08
CA GLY A 46 -20.65 -4.93 -14.89
C GLY A 46 -19.40 -5.65 -15.36
ZN ZN B . -0.51 -1.95 -1.13
N GLY A 1 -2.85 5.54 11.88
CA GLY A 1 -3.71 4.40 12.18
C GLY A 1 -3.14 3.50 13.26
N SER A 2 -3.99 2.64 13.82
CA SER A 2 -3.56 1.72 14.86
C SER A 2 -2.31 0.95 14.44
N SER A 3 -1.67 0.30 15.40
CA SER A 3 -0.46 -0.46 15.14
C SER A 3 -0.68 -1.94 15.44
N GLY A 4 -0.76 -2.75 14.39
CA GLY A 4 -0.97 -4.17 14.57
C GLY A 4 0.09 -5.00 13.87
N SER A 5 1.35 -4.74 14.21
CA SER A 5 2.46 -5.47 13.62
C SER A 5 3.71 -5.36 14.49
N SER A 6 4.70 -6.20 14.20
CA SER A 6 5.94 -6.21 14.96
C SER A 6 6.77 -4.96 14.65
N GLY A 7 6.84 -4.61 13.37
CA GLY A 7 7.60 -3.44 12.96
C GLY A 7 6.71 -2.28 12.56
N SER A 8 6.31 -2.24 11.30
CA SER A 8 5.46 -1.17 10.80
C SER A 8 6.12 0.19 11.00
N GLY A 9 7.41 0.27 10.68
CA GLY A 9 8.13 1.51 10.83
C GLY A 9 7.94 2.44 9.65
N GLU A 10 7.64 3.71 9.94
CA GLU A 10 7.43 4.71 8.89
C GLU A 10 8.54 4.64 7.85
N LYS A 11 8.18 4.93 6.60
CA LYS A 11 9.15 4.92 5.50
C LYS A 11 8.93 6.09 4.57
N PRO A 12 9.97 6.46 3.81
CA PRO A 12 9.92 7.56 2.86
C PRO A 12 9.03 7.26 1.65
N PHE A 13 8.79 5.97 1.42
CA PHE A 13 7.97 5.54 0.30
C PHE A 13 7.18 4.28 0.66
N LYS A 14 5.87 4.45 0.82
CA LYS A 14 5.00 3.32 1.17
C LYS A 14 3.77 3.30 0.26
N CYS A 15 3.10 2.16 0.23
CA CYS A 15 1.90 1.99 -0.60
C CYS A 15 0.75 2.83 -0.04
N GLU A 16 -0.12 3.29 -0.94
CA GLU A 16 -1.27 4.09 -0.55
C GLU A 16 -2.49 3.22 -0.28
N GLU A 17 -2.49 2.02 -0.86
CA GLU A 17 -3.59 1.10 -0.68
C GLU A 17 -3.57 0.47 0.72
N CYS A 18 -2.50 -0.27 1.01
CA CYS A 18 -2.36 -0.92 2.31
C CYS A 18 -1.40 -0.13 3.20
N GLY A 19 -0.22 0.16 2.68
CA GLY A 19 0.77 0.90 3.44
C GLY A 19 2.11 0.20 3.50
N LYS A 20 2.35 -0.70 2.55
CA LYS A 20 3.60 -1.45 2.49
C LYS A 20 4.79 -0.51 2.66
N GLY A 21 5.94 -1.08 3.02
CA GLY A 21 7.14 -0.29 3.20
C GLY A 21 8.12 -0.44 2.05
N PHE A 22 8.73 0.67 1.64
CA PHE A 22 9.69 0.65 0.55
C PHE A 22 10.73 1.75 0.73
N TYR A 23 11.74 1.76 -0.14
CA TYR A 23 12.80 2.75 -0.08
C TYR A 23 12.90 3.53 -1.39
N THR A 24 12.52 2.88 -2.48
CA THR A 24 12.55 3.51 -3.80
C THR A 24 11.17 3.54 -4.43
N ASN A 25 10.90 4.59 -5.21
CA ASN A 25 9.62 4.74 -5.87
C ASN A 25 9.35 3.57 -6.81
N SER A 26 10.36 3.21 -7.60
CA SER A 26 10.22 2.10 -8.55
C SER A 26 9.63 0.87 -7.87
N GLN A 27 10.10 0.61 -6.64
CA GLN A 27 9.61 -0.54 -5.89
C GLN A 27 8.18 -0.33 -5.43
N CYS A 28 7.94 0.77 -4.72
CA CYS A 28 6.61 1.09 -4.23
C CYS A 28 5.55 0.84 -5.30
N TYR A 29 5.90 1.13 -6.55
CA TYR A 29 4.99 0.93 -7.66
C TYR A 29 4.83 -0.54 -7.99
N SER A 30 5.95 -1.24 -8.11
CA SER A 30 5.95 -2.66 -8.43
C SER A 30 4.86 -3.38 -7.64
N HIS A 31 4.66 -2.97 -6.39
CA HIS A 31 3.65 -3.57 -5.53
C HIS A 31 2.29 -2.90 -5.73
N GLN A 32 2.28 -1.58 -5.63
CA GLN A 32 1.04 -0.82 -5.79
C GLN A 32 0.20 -1.39 -6.93
N ARG A 33 0.84 -1.58 -8.09
CA ARG A 33 0.15 -2.11 -9.26
C ARG A 33 -0.70 -3.33 -8.88
N SER A 34 -0.11 -4.22 -8.11
CA SER A 34 -0.80 -5.44 -7.68
C SER A 34 -2.25 -5.13 -7.31
N HIS A 35 -2.43 -4.18 -6.40
CA HIS A 35 -3.76 -3.78 -5.96
C HIS A 35 -4.70 -3.59 -7.14
N SER A 36 -5.93 -4.09 -7.01
CA SER A 36 -6.91 -3.98 -8.07
C SER A 36 -8.31 -3.76 -7.49
N GLY A 37 -9.13 -3.00 -8.23
CA GLY A 37 -10.48 -2.72 -7.77
C GLY A 37 -10.51 -1.74 -6.61
N GLU A 38 -11.16 -2.13 -5.52
CA GLU A 38 -11.27 -1.28 -4.35
C GLU A 38 -10.57 -1.92 -3.15
N LYS A 39 -9.97 -1.08 -2.30
CA LYS A 39 -9.28 -1.56 -1.12
C LYS A 39 -10.11 -2.60 -0.38
N PRO A 40 -9.42 -3.54 0.29
CA PRO A 40 -10.08 -4.61 1.05
C PRO A 40 -10.77 -4.09 2.31
N SER A 41 -11.58 -4.94 2.93
CA SER A 41 -12.30 -4.56 4.15
C SER A 41 -11.43 -4.77 5.38
N GLY A 42 -10.20 -4.25 5.33
CA GLY A 42 -9.30 -4.39 6.46
C GLY A 42 -8.21 -5.42 6.20
N PRO A 43 -6.95 -4.99 6.33
CA PRO A 43 -5.79 -5.88 6.12
C PRO A 43 -5.66 -6.93 7.21
N SER A 44 -6.06 -6.58 8.42
CA SER A 44 -5.98 -7.49 9.55
C SER A 44 -7.14 -7.26 10.52
N SER A 45 -7.63 -8.36 11.11
CA SER A 45 -8.74 -8.28 12.05
C SER A 45 -8.24 -8.26 13.49
N GLY A 46 -7.46 -9.28 13.85
CA GLY A 46 -6.92 -9.36 15.19
C GLY A 46 -7.96 -9.83 16.20
ZN ZN B . -0.50 -2.00 -1.09
N GLY A 1 0.58 9.17 19.22
CA GLY A 1 -0.12 8.08 18.57
C GLY A 1 -1.41 8.52 17.90
N SER A 2 -1.61 8.08 16.66
CA SER A 2 -2.80 8.44 15.90
C SER A 2 -3.90 7.42 16.13
N SER A 3 -5.08 7.71 15.58
CA SER A 3 -6.23 6.82 15.72
C SER A 3 -6.05 5.56 14.87
N GLY A 4 -5.75 4.44 15.52
CA GLY A 4 -5.56 3.19 14.81
C GLY A 4 -4.14 2.68 14.92
N SER A 5 -3.29 3.10 14.00
CA SER A 5 -1.89 2.67 13.99
C SER A 5 -1.11 3.35 15.10
N SER A 6 -0.29 2.57 15.81
CA SER A 6 0.52 3.09 16.91
C SER A 6 1.17 4.41 16.51
N GLY A 7 1.91 4.39 15.41
CA GLY A 7 2.59 5.58 14.93
C GLY A 7 4.10 5.45 15.00
N SER A 8 4.65 4.63 14.11
CA SER A 8 6.10 4.41 14.06
C SER A 8 6.47 3.53 12.87
N GLY A 9 7.78 3.33 12.68
CA GLY A 9 8.25 2.51 11.58
C GLY A 9 7.83 3.06 10.23
N GLU A 10 7.91 4.38 10.08
CA GLU A 10 7.53 5.03 8.83
C GLU A 10 8.61 4.85 7.77
N LYS A 11 8.27 5.11 6.52
CA LYS A 11 9.21 4.98 5.41
C LYS A 11 9.06 6.14 4.43
N PRO A 12 10.11 6.38 3.63
CA PRO A 12 10.11 7.45 2.64
C PRO A 12 9.17 7.16 1.47
N PHE A 13 8.83 5.89 1.29
CA PHE A 13 7.94 5.48 0.21
C PHE A 13 7.13 4.26 0.62
N LYS A 14 5.82 4.43 0.75
CA LYS A 14 4.94 3.33 1.13
C LYS A 14 3.71 3.27 0.22
N CYS A 15 3.02 2.14 0.24
CA CYS A 15 1.84 1.97 -0.59
C CYS A 15 0.66 2.78 -0.06
N GLU A 16 -0.21 3.21 -0.96
CA GLU A 16 -1.36 4.02 -0.58
C GLU A 16 -2.57 3.13 -0.29
N GLU A 17 -2.56 1.93 -0.87
CA GLU A 17 -3.66 0.99 -0.69
C GLU A 17 -3.62 0.39 0.72
N CYS A 18 -2.56 -0.34 1.03
CA CYS A 18 -2.40 -0.96 2.33
C CYS A 18 -1.45 -0.16 3.22
N GLY A 19 -0.26 0.12 2.68
CA GLY A 19 0.73 0.88 3.43
C GLY A 19 2.07 0.17 3.51
N LYS A 20 2.31 -0.74 2.58
CA LYS A 20 3.56 -1.48 2.54
C LYS A 20 4.76 -0.55 2.72
N GLY A 21 5.91 -1.13 3.02
CA GLY A 21 7.12 -0.33 3.21
C GLY A 21 8.12 -0.53 2.09
N PHE A 22 8.71 0.57 1.63
CA PHE A 22 9.70 0.51 0.56
C PHE A 22 10.76 1.60 0.74
N TYR A 23 11.78 1.56 -0.12
CA TYR A 23 12.85 2.54 -0.05
C TYR A 23 12.97 3.31 -1.37
N THR A 24 12.70 2.63 -2.47
CA THR A 24 12.77 3.25 -3.80
C THR A 24 11.39 3.35 -4.43
N ASN A 25 11.07 4.52 -4.97
CA ASN A 25 9.77 4.75 -5.60
C ASN A 25 9.38 3.55 -6.45
N SER A 26 10.22 3.22 -7.44
CA SER A 26 9.95 2.10 -8.33
C SER A 26 9.37 0.92 -7.55
N GLN A 27 10.07 0.49 -6.52
CA GLN A 27 9.63 -0.63 -5.70
C GLN A 27 8.22 -0.40 -5.18
N CYS A 28 7.96 0.82 -4.70
CA CYS A 28 6.65 1.17 -4.17
C CYS A 28 5.57 0.98 -5.23
N TYR A 29 5.88 1.35 -6.46
CA TYR A 29 4.93 1.23 -7.56
C TYR A 29 4.70 -0.24 -7.92
N SER A 30 5.79 -0.95 -8.22
CA SER A 30 5.70 -2.35 -8.57
C SER A 30 4.63 -3.06 -7.76
N HIS A 31 4.52 -2.68 -6.49
CA HIS A 31 3.53 -3.26 -5.59
C HIS A 31 2.17 -2.61 -5.77
N GLN A 32 2.16 -1.29 -5.84
CA GLN A 32 0.93 -0.53 -6.00
C GLN A 32 0.09 -1.11 -7.13
N ARG A 33 0.76 -1.56 -8.20
CA ARG A 33 0.09 -2.12 -9.34
C ARG A 33 -0.64 -3.42 -8.98
N SER A 34 0.03 -4.27 -8.20
CA SER A 34 -0.54 -5.54 -7.78
C SER A 34 -1.99 -5.35 -7.34
N HIS A 35 -2.20 -4.42 -6.41
CA HIS A 35 -3.54 -4.15 -5.90
C HIS A 35 -4.57 -4.16 -7.02
N SER A 36 -5.44 -5.17 -7.02
CA SER A 36 -6.47 -5.30 -8.05
C SER A 36 -7.86 -5.22 -7.43
N GLY A 37 -8.55 -4.11 -7.66
CA GLY A 37 -9.88 -3.93 -7.11
C GLY A 37 -10.96 -4.35 -8.10
N GLU A 38 -11.99 -5.02 -7.58
CA GLU A 38 -13.10 -5.47 -8.42
C GLU A 38 -13.94 -4.30 -8.91
N LYS A 39 -13.63 -3.81 -10.10
CA LYS A 39 -14.36 -2.69 -10.68
C LYS A 39 -15.53 -3.17 -11.53
N PRO A 40 -16.71 -2.63 -11.27
CA PRO A 40 -17.94 -2.99 -12.00
C PRO A 40 -17.91 -2.50 -13.45
N SER A 41 -17.49 -1.25 -13.64
CA SER A 41 -17.42 -0.66 -14.97
C SER A 41 -16.04 -0.08 -15.24
N GLY A 42 -15.20 -0.85 -15.92
CA GLY A 42 -13.85 -0.41 -16.24
C GLY A 42 -13.71 0.04 -17.68
N PRO A 43 -12.54 0.60 -18.02
CA PRO A 43 -12.26 1.09 -19.37
C PRO A 43 -12.12 -0.05 -20.37
N SER A 44 -12.09 0.29 -21.66
CA SER A 44 -11.96 -0.70 -22.72
C SER A 44 -10.53 -0.73 -23.25
N SER A 45 -9.96 0.45 -23.48
CA SER A 45 -8.60 0.55 -23.99
C SER A 45 -7.59 0.63 -22.85
N GLY A 46 -7.77 1.61 -21.98
CA GLY A 46 -6.87 1.78 -20.85
C GLY A 46 -7.11 0.76 -19.76
ZN ZN B . -0.54 -2.06 -1.06
N GLY A 1 -7.38 -0.28 8.29
CA GLY A 1 -6.55 -0.94 9.28
C GLY A 1 -5.90 -2.20 8.76
N SER A 2 -5.13 -2.06 7.68
CA SER A 2 -4.46 -3.20 7.07
C SER A 2 -3.14 -3.49 7.78
N SER A 3 -2.44 -2.42 8.15
CA SER A 3 -1.15 -2.55 8.83
C SER A 3 -1.34 -2.61 10.34
N GLY A 4 -0.71 -3.60 10.98
CA GLY A 4 -0.82 -3.74 12.42
C GLY A 4 0.50 -4.07 13.07
N SER A 5 1.24 -3.03 13.47
CA SER A 5 2.54 -3.21 14.10
C SER A 5 3.46 -4.05 13.23
N SER A 6 3.44 -3.77 11.93
CA SER A 6 4.28 -4.50 10.98
C SER A 6 5.49 -3.69 10.58
N GLY A 7 6.11 -3.02 11.56
CA GLY A 7 7.28 -2.21 11.29
C GLY A 7 7.34 -0.98 12.17
N SER A 8 8.55 -0.56 12.51
CA SER A 8 8.76 0.61 13.35
C SER A 8 8.80 1.88 12.51
N GLY A 9 8.36 2.99 13.11
CA GLY A 9 8.35 4.26 12.40
C GLY A 9 7.76 4.15 11.01
N GLU A 10 8.00 5.16 10.19
CA GLU A 10 7.48 5.17 8.82
C GLU A 10 8.60 4.99 7.81
N LYS A 11 8.26 5.06 6.53
CA LYS A 11 9.23 4.91 5.46
C LYS A 11 9.12 6.05 4.45
N PRO A 12 10.18 6.23 3.64
CA PRO A 12 10.22 7.28 2.63
C PRO A 12 9.27 7.02 1.47
N PHE A 13 8.91 5.75 1.29
CA PHE A 13 8.00 5.36 0.22
C PHE A 13 7.19 4.13 0.62
N LYS A 14 5.87 4.33 0.79
CA LYS A 14 4.99 3.23 1.17
C LYS A 14 3.75 3.20 0.28
N CYS A 15 3.13 2.04 0.17
CA CYS A 15 1.93 1.87 -0.65
C CYS A 15 0.78 2.72 -0.11
N GLU A 16 -0.05 3.23 -1.00
CA GLU A 16 -1.18 4.05 -0.62
C GLU A 16 -2.42 3.18 -0.37
N GLU A 17 -2.40 1.97 -0.91
CA GLU A 17 -3.51 1.05 -0.74
C GLU A 17 -3.51 0.42 0.65
N CYS A 18 -2.46 -0.33 0.96
CA CYS A 18 -2.32 -0.98 2.25
C CYS A 18 -1.39 -0.20 3.16
N GLY A 19 -0.20 0.10 2.66
CA GLY A 19 0.77 0.85 3.44
C GLY A 19 2.13 0.16 3.49
N LYS A 20 2.32 -0.80 2.60
CA LYS A 20 3.58 -1.54 2.54
C LYS A 20 4.77 -0.60 2.72
N GLY A 21 5.92 -1.17 3.06
CA GLY A 21 7.12 -0.37 3.26
C GLY A 21 8.11 -0.51 2.12
N PHE A 22 8.69 0.61 1.70
CA PHE A 22 9.65 0.61 0.61
C PHE A 22 10.66 1.74 0.77
N TYR A 23 11.75 1.66 0.00
CA TYR A 23 12.79 2.68 0.06
C TYR A 23 12.92 3.41 -1.27
N THR A 24 12.65 2.70 -2.35
CA THR A 24 12.74 3.27 -3.69
C THR A 24 11.36 3.37 -4.33
N ASN A 25 11.01 4.57 -4.79
CA ASN A 25 9.71 4.79 -5.43
C ASN A 25 9.36 3.64 -6.36
N SER A 26 10.24 3.37 -7.32
CA SER A 26 10.01 2.29 -8.28
C SER A 26 9.36 1.09 -7.60
N GLN A 27 10.00 0.59 -6.55
CA GLN A 27 9.48 -0.56 -5.82
C GLN A 27 8.04 -0.32 -5.38
N CYS A 28 7.81 0.78 -4.67
CA CYS A 28 6.47 1.13 -4.19
C CYS A 28 5.44 0.96 -5.30
N TYR A 29 5.80 1.40 -6.51
CA TYR A 29 4.90 1.31 -7.65
C TYR A 29 4.71 -0.14 -8.07
N SER A 30 5.82 -0.87 -8.20
CA SER A 30 5.79 -2.26 -8.61
C SER A 30 4.73 -3.03 -7.81
N HIS A 31 4.67 -2.76 -6.51
CA HIS A 31 3.70 -3.42 -5.65
C HIS A 31 2.29 -2.86 -5.87
N GLN A 32 2.19 -1.53 -5.81
CA GLN A 32 0.90 -0.87 -5.99
C GLN A 32 0.08 -1.56 -7.09
N ARG A 33 0.67 -1.66 -8.28
CA ARG A 33 -0.01 -2.30 -9.41
C ARG A 33 -0.78 -3.52 -8.95
N SER A 34 -0.13 -4.37 -8.16
CA SER A 34 -0.76 -5.59 -7.65
C SER A 34 -2.21 -5.33 -7.26
N HIS A 35 -2.42 -4.28 -6.47
CA HIS A 35 -3.77 -3.93 -6.03
C HIS A 35 -4.73 -3.84 -7.21
N SER A 36 -5.97 -4.23 -6.98
CA SER A 36 -6.99 -4.20 -8.02
C SER A 36 -8.08 -3.17 -7.70
N GLY A 37 -8.61 -2.55 -8.74
CA GLY A 37 -9.65 -1.55 -8.55
C GLY A 37 -10.33 -1.17 -9.85
N GLU A 38 -9.54 -0.99 -10.90
CA GLU A 38 -10.07 -0.61 -12.20
C GLU A 38 -10.54 -1.85 -12.97
N LYS A 39 -11.30 -2.70 -12.31
CA LYS A 39 -11.82 -3.92 -12.93
C LYS A 39 -13.35 -3.88 -13.02
N PRO A 40 -13.87 -3.74 -14.25
CA PRO A 40 -15.31 -3.69 -14.49
C PRO A 40 -15.99 -5.04 -14.26
N SER A 41 -16.94 -5.08 -13.33
CA SER A 41 -17.65 -6.30 -13.01
C SER A 41 -18.70 -6.61 -14.08
N GLY A 42 -18.72 -7.85 -14.55
CA GLY A 42 -19.68 -8.25 -15.56
C GLY A 42 -19.24 -9.49 -16.31
N PRO A 43 -20.19 -10.11 -17.04
CA PRO A 43 -19.93 -11.32 -17.82
C PRO A 43 -19.02 -11.05 -19.03
N SER A 44 -19.25 -9.92 -19.68
CA SER A 44 -18.46 -9.55 -20.85
C SER A 44 -18.42 -8.04 -21.03
N SER A 45 -17.29 -7.53 -21.52
CA SER A 45 -17.13 -6.10 -21.74
C SER A 45 -17.60 -5.70 -23.13
N GLY A 46 -18.13 -4.48 -23.24
CA GLY A 46 -18.61 -4.00 -24.53
C GLY A 46 -18.42 -2.50 -24.69
ZN ZN B . -0.47 -2.12 -1.16
N GLY A 1 1.78 10.22 27.01
CA GLY A 1 1.17 10.87 25.87
C GLY A 1 0.46 9.89 24.94
N SER A 2 0.94 9.80 23.71
CA SER A 2 0.34 8.90 22.73
C SER A 2 1.41 8.07 22.03
N SER A 3 1.07 6.84 21.69
CA SER A 3 2.00 5.94 21.01
C SER A 3 2.54 6.58 19.74
N GLY A 4 1.65 7.22 18.97
CA GLY A 4 2.05 7.86 17.74
C GLY A 4 1.56 7.11 16.52
N SER A 5 2.39 6.22 15.99
CA SER A 5 2.04 5.45 14.80
C SER A 5 1.97 3.96 15.14
N SER A 6 1.48 3.17 14.18
CA SER A 6 1.36 1.73 14.37
C SER A 6 2.68 1.03 14.10
N GLY A 7 3.75 1.56 14.68
CA GLY A 7 5.07 0.98 14.50
C GLY A 7 6.17 1.80 15.13
N SER A 8 7.38 1.67 14.59
CA SER A 8 8.52 2.41 15.12
C SER A 8 8.60 3.80 14.50
N GLY A 9 8.38 3.88 13.19
CA GLY A 9 8.43 5.16 12.50
C GLY A 9 7.69 5.13 11.18
N GLU A 10 8.43 5.17 10.08
CA GLU A 10 7.84 5.15 8.75
C GLU A 10 8.91 4.98 7.68
N LYS A 11 8.47 4.95 6.42
CA LYS A 11 9.40 4.80 5.30
C LYS A 11 9.27 5.96 4.32
N PRO A 12 10.29 6.12 3.47
CA PRO A 12 10.32 7.20 2.47
C PRO A 12 9.30 6.99 1.36
N PHE A 13 8.80 5.77 1.25
CA PHE A 13 7.81 5.43 0.23
C PHE A 13 7.06 4.15 0.59
N LYS A 14 5.75 4.28 0.80
CA LYS A 14 4.92 3.13 1.15
C LYS A 14 3.64 3.11 0.32
N CYS A 15 3.09 1.91 0.12
CA CYS A 15 1.87 1.77 -0.65
C CYS A 15 0.73 2.59 -0.05
N GLU A 16 -0.15 3.09 -0.91
CA GLU A 16 -1.27 3.91 -0.46
C GLU A 16 -2.51 3.04 -0.23
N GLU A 17 -2.55 1.89 -0.89
CA GLU A 17 -3.68 0.98 -0.75
C GLU A 17 -3.71 0.36 0.65
N CYS A 18 -2.61 -0.27 1.03
CA CYS A 18 -2.50 -0.90 2.35
C CYS A 18 -1.55 -0.12 3.25
N GLY A 19 -0.35 0.15 2.74
CA GLY A 19 0.64 0.87 3.51
C GLY A 19 2.02 0.28 3.39
N LYS A 20 2.14 -0.81 2.63
CA LYS A 20 3.42 -1.48 2.43
C LYS A 20 4.56 -0.48 2.44
N GLY A 21 5.71 -0.89 2.95
CA GLY A 21 6.87 -0.02 3.00
C GLY A 21 7.82 -0.25 1.84
N PHE A 22 8.57 0.79 1.50
CA PHE A 22 9.52 0.70 0.39
C PHE A 22 10.61 1.78 0.53
N TYR A 23 11.80 1.46 0.02
CA TYR A 23 12.92 2.39 0.08
C TYR A 23 13.00 3.25 -1.18
N THR A 24 12.58 2.67 -2.30
CA THR A 24 12.60 3.38 -3.58
C THR A 24 11.19 3.50 -4.16
N ASN A 25 10.91 4.62 -4.81
CA ASN A 25 9.62 4.85 -5.43
C ASN A 25 9.30 3.78 -6.46
N SER A 26 10.34 3.30 -7.14
CA SER A 26 10.18 2.27 -8.17
C SER A 26 9.53 1.03 -7.59
N GLN A 27 10.04 0.59 -6.44
CA GLN A 27 9.51 -0.60 -5.77
C GLN A 27 8.07 -0.38 -5.32
N CYS A 28 7.84 0.74 -4.65
CA CYS A 28 6.50 1.07 -4.16
C CYS A 28 5.46 0.87 -5.25
N TYR A 29 5.79 1.28 -6.47
CA TYR A 29 4.89 1.14 -7.60
C TYR A 29 4.73 -0.32 -8.01
N SER A 30 5.84 -1.03 -8.07
CA SER A 30 5.83 -2.44 -8.44
C SER A 30 4.72 -3.19 -7.70
N HIS A 31 4.57 -2.89 -6.42
CA HIS A 31 3.55 -3.53 -5.59
C HIS A 31 2.20 -2.84 -5.77
N GLN A 32 2.20 -1.52 -5.62
CA GLN A 32 0.97 -0.74 -5.76
C GLN A 32 0.14 -1.23 -6.93
N ARG A 33 0.77 -1.33 -8.10
CA ARG A 33 0.08 -1.78 -9.31
C ARG A 33 -0.58 -3.13 -9.07
N SER A 34 0.09 -3.98 -8.30
CA SER A 34 -0.44 -5.31 -8.00
C SER A 34 -1.88 -5.23 -7.51
N HIS A 35 -2.10 -4.40 -6.50
CA HIS A 35 -3.44 -4.22 -5.93
C HIS A 35 -4.50 -4.30 -7.01
N SER A 36 -4.47 -3.35 -7.95
CA SER A 36 -5.43 -3.31 -9.03
C SER A 36 -5.13 -4.38 -10.07
N GLY A 37 -6.17 -4.83 -10.77
CA GLY A 37 -5.99 -5.86 -11.78
C GLY A 37 -6.69 -7.15 -11.43
N GLU A 38 -5.96 -8.07 -10.80
CA GLU A 38 -6.52 -9.36 -10.41
C GLU A 38 -6.89 -9.36 -8.92
N LYS A 39 -8.05 -9.91 -8.62
CA LYS A 39 -8.53 -9.98 -7.24
C LYS A 39 -9.17 -11.33 -6.95
N PRO A 40 -8.90 -11.87 -5.76
CA PRO A 40 -9.44 -13.17 -5.32
C PRO A 40 -10.95 -13.11 -5.07
N SER A 41 -11.51 -14.21 -4.61
CA SER A 41 -12.95 -14.29 -4.33
C SER A 41 -13.28 -13.59 -3.02
N GLY A 42 -14.22 -12.65 -3.08
CA GLY A 42 -14.61 -11.91 -1.90
C GLY A 42 -16.06 -12.13 -1.54
N PRO A 43 -16.44 -11.76 -0.30
CA PRO A 43 -17.82 -11.91 0.19
C PRO A 43 -18.76 -10.93 -0.49
N SER A 44 -19.58 -11.44 -1.40
CA SER A 44 -20.54 -10.61 -2.13
C SER A 44 -21.80 -10.38 -1.28
N SER A 45 -21.59 -10.06 -0.01
CA SER A 45 -22.70 -9.81 0.90
C SER A 45 -23.46 -8.54 0.52
N GLY A 46 -22.70 -7.50 0.16
CA GLY A 46 -23.31 -6.25 -0.22
C GLY A 46 -23.65 -5.38 0.97
ZN ZN B . -0.57 -2.24 -0.98
#